data_4XLX
#
_entry.id   4XLX
#
_cell.length_a   65.029
_cell.length_b   130.073
_cell.length_c   66.387
_cell.angle_alpha   90.00
_cell.angle_beta   95.62
_cell.angle_gamma   90.00
#
_symmetry.space_group_name_H-M   'P 1 21 1'
#
loop_
_entity.id
_entity.type
_entity.pdbx_description
1 polymer 'Uncharacterized protein blr2150'
2 water water
#
_entity_poly.entity_id   1
_entity_poly.type   'polypeptide(L)'
_entity_poly.pdbx_seq_one_letter_code
;MIQTERAVQQVLEWGRSLTGFADEHAVEAVRGGQYILQRIHPSLRGTSARTGRDPQDETLIVTFYRELALLFWLDDCNDL
GLISPEQLAAVEQALGQGVPCALPGFEGCAVLRASLATLAYDRRDYAQLLDDTRCYSAALRAGHAQAVAAERWSYAEYLH
NGIDSIAYANVFCCLSLLWGLDMATLRARPAFRQVLRLISAIGRLQNDLHGCDKDRSAGEADNAVILLLQRYPAMPVVEF
LNDELAGHTRMLHRVMAEERFPAPWGPLIEAMAAIRVQYYRTSTSRYRSDAVRGGQRAPA
;
_entity_poly.pdbx_strand_id   A,B,C,D
#
# COMPACT_ATOMS: atom_id res chain seq x y z
N GLN A 3 52.53 -4.07 10.52
CA GLN A 3 52.60 -2.99 9.50
C GLN A 3 51.66 -3.15 8.28
N THR A 4 51.06 -2.04 7.84
CA THR A 4 50.20 -2.06 6.67
C THR A 4 51.11 -2.45 5.47
N GLU A 5 52.30 -1.84 5.34
CA GLU A 5 53.15 -2.12 4.16
C GLU A 5 53.69 -3.53 4.14
N ARG A 6 54.01 -4.08 5.28
CA ARG A 6 54.44 -5.43 5.26
C ARG A 6 53.26 -6.33 4.79
N ALA A 7 52.02 -6.04 5.19
CA ALA A 7 50.94 -6.93 4.72
C ALA A 7 50.81 -6.72 3.17
N VAL A 8 50.96 -5.49 2.68
CA VAL A 8 50.86 -5.34 1.23
C VAL A 8 51.92 -6.16 0.54
N GLN A 9 53.16 -6.10 1.03
CA GLN A 9 54.23 -6.86 0.38
C GLN A 9 53.98 -8.36 0.44
N GLN A 10 53.43 -8.88 1.55
CA GLN A 10 53.20 -10.32 1.53
C GLN A 10 52.06 -10.71 0.57
N VAL A 11 51.09 -9.84 0.30
CA VAL A 11 50.04 -10.18 -0.69
C VAL A 11 50.72 -10.13 -2.09
N LEU A 12 51.49 -9.06 -2.33
CA LEU A 12 52.24 -8.88 -3.59
C LEU A 12 53.16 -10.06 -3.95
N GLU A 13 53.93 -10.56 -2.98
CA GLU A 13 54.88 -11.62 -3.30
C GLU A 13 54.15 -12.85 -3.82
N TRP A 14 53.04 -13.16 -3.17
CA TRP A 14 52.20 -14.28 -3.57
C TRP A 14 51.56 -13.92 -4.94
N GLY A 15 51.10 -12.70 -5.10
CA GLY A 15 50.50 -12.27 -6.38
C GLY A 15 51.41 -12.43 -7.60
N ARG A 16 52.73 -12.36 -7.39
CA ARG A 16 53.70 -12.58 -8.45
C ARG A 16 53.53 -13.96 -9.11
N SER A 17 52.89 -14.89 -8.43
CA SER A 17 52.72 -16.23 -9.05
C SER A 17 51.35 -16.39 -9.73
N LEU A 18 50.79 -15.25 -10.11
CA LEU A 18 49.53 -15.16 -10.81
C LEU A 18 49.67 -14.22 -12.00
N THR A 19 49.70 -14.79 -13.20
CA THR A 19 49.79 -13.96 -14.42
C THR A 19 48.67 -12.92 -14.43
N GLY A 20 49.00 -11.69 -14.79
CA GLY A 20 48.01 -10.62 -14.81
C GLY A 20 47.77 -9.89 -13.50
N PHE A 21 48.38 -10.38 -12.41
CA PHE A 21 48.21 -9.76 -11.09
C PHE A 21 48.88 -8.36 -11.11
N ALA A 22 48.18 -7.36 -10.63
CA ALA A 22 48.64 -5.98 -10.58
C ALA A 22 48.86 -5.54 -9.10
N ASP A 23 49.74 -4.55 -8.90
CA ASP A 23 50.01 -4.01 -7.54
C ASP A 23 48.71 -3.53 -6.89
N GLU A 24 47.85 -2.94 -7.70
CA GLU A 24 46.54 -2.44 -7.27
C GLU A 24 45.67 -3.53 -6.63
N HIS A 25 45.76 -4.75 -7.13
CA HIS A 25 44.96 -5.86 -6.55
C HIS A 25 45.36 -6.10 -5.12
N ALA A 26 46.68 -6.04 -4.85
CA ALA A 26 47.19 -6.20 -3.46
C ALA A 26 46.83 -5.00 -2.62
N VAL A 27 47.10 -3.79 -3.14
CA VAL A 27 46.81 -2.59 -2.35
C VAL A 27 45.31 -2.44 -1.98
N GLU A 28 44.41 -2.67 -2.94
CA GLU A 28 42.99 -2.53 -2.63
C GLU A 28 42.57 -3.68 -1.63
N ALA A 29 43.14 -4.87 -1.81
CA ALA A 29 42.78 -5.99 -0.90
C ALA A 29 43.14 -5.61 0.54
N VAL A 30 44.31 -5.03 0.76
CA VAL A 30 44.72 -4.69 2.14
C VAL A 30 43.88 -3.54 2.67
N ARG A 31 43.60 -2.55 1.82
CA ARG A 31 42.75 -1.41 2.19
C ARG A 31 41.34 -1.89 2.57
N GLY A 32 40.70 -2.68 1.70
CA GLY A 32 39.38 -3.19 2.04
C GLY A 32 39.43 -4.20 3.21
N GLY A 33 40.39 -5.11 3.20
CA GLY A 33 40.51 -6.08 4.29
C GLY A 33 40.77 -5.43 5.64
N GLN A 34 41.62 -4.39 5.69
CA GLN A 34 41.91 -3.70 6.96
C GLN A 34 40.66 -3.00 7.51
N TYR A 35 39.87 -2.44 6.60
CA TYR A 35 38.67 -1.77 6.98
C TYR A 35 37.78 -2.75 7.72
N ILE A 36 37.58 -3.91 7.09
CA ILE A 36 36.69 -4.91 7.71
C ILE A 36 37.21 -5.41 9.06
N LEU A 37 38.50 -5.73 9.08
CA LEU A 37 39.10 -6.25 10.33
C LEU A 37 39.08 -5.22 11.44
N GLN A 38 39.28 -3.95 11.09
CA GLN A 38 39.20 -2.87 12.10
C GLN A 38 37.81 -2.79 12.68
N ARG A 39 36.82 -2.81 11.79
CA ARG A 39 35.44 -2.65 12.25
C ARG A 39 34.95 -3.76 13.17
N ILE A 40 35.52 -4.97 13.05
CA ILE A 40 35.07 -6.06 13.93
C ILE A 40 36.13 -6.50 14.96
N HIS A 41 37.22 -5.73 15.06
CA HIS A 41 38.33 -6.08 15.93
C HIS A 41 37.94 -6.43 17.41
N PRO A 42 37.13 -5.59 18.09
CA PRO A 42 36.73 -5.87 19.48
C PRO A 42 35.99 -7.21 19.56
N SER A 43 35.08 -7.50 18.63
CA SER A 43 34.41 -8.80 18.65
C SER A 43 35.40 -9.97 18.45
N LEU A 44 36.36 -9.84 17.56
CA LEU A 44 37.30 -10.93 17.30
C LEU A 44 38.22 -11.18 18.53
N ARG A 45 38.51 -10.10 19.23
CA ARG A 45 39.27 -10.25 20.45
C ARG A 45 38.41 -11.10 21.37
N GLY A 46 37.10 -10.86 21.38
CA GLY A 46 36.16 -11.60 22.20
C GLY A 46 36.06 -13.09 21.81
N THR A 47 35.90 -13.39 20.52
CA THR A 47 35.83 -14.77 20.13
C THR A 47 37.20 -15.51 20.24
N SER A 48 38.32 -14.80 20.15
CA SER A 48 39.62 -15.48 20.21
C SER A 48 39.84 -16.41 21.44
N ALA A 49 39.19 -16.09 22.56
CA ALA A 49 39.33 -16.92 23.77
C ALA A 49 38.82 -18.32 23.51
N ARG A 50 37.69 -18.43 22.83
CA ARG A 50 37.08 -19.71 22.57
C ARG A 50 37.67 -20.44 21.36
N THR A 51 38.11 -19.70 20.36
CA THR A 51 38.64 -20.34 19.18
C THR A 51 40.11 -20.55 19.12
N GLY A 52 40.89 -19.77 19.87
CA GLY A 52 42.32 -19.88 19.76
C GLY A 52 42.82 -19.13 18.49
N ARG A 53 41.97 -18.36 17.82
CA ARG A 53 42.40 -17.65 16.60
C ARG A 53 42.54 -16.16 16.93
N ASP A 54 43.75 -15.67 16.92
CA ASP A 54 44.03 -14.31 17.30
C ASP A 54 43.74 -13.30 16.20
N PRO A 55 43.03 -12.19 16.50
CA PRO A 55 42.76 -11.19 15.45
C PRO A 55 44.09 -10.56 14.97
N GLN A 56 45.15 -10.71 15.76
CA GLN A 56 46.39 -10.11 15.33
C GLN A 56 47.34 -11.09 14.65
N ASP A 57 46.94 -12.32 14.49
CA ASP A 57 47.78 -13.33 13.85
C ASP A 57 48.05 -12.99 12.36
N GLU A 58 49.30 -12.66 12.05
CA GLU A 58 49.68 -12.25 10.68
C GLU A 58 49.40 -13.31 9.59
N THR A 59 49.52 -14.58 9.97
CA THR A 59 49.24 -15.68 9.04
C THR A 59 47.74 -15.69 8.67
N LEU A 60 46.86 -15.42 9.63
CA LEU A 60 45.44 -15.38 9.30
C LEU A 60 45.12 -14.09 8.50
N ILE A 61 45.60 -12.94 8.98
CA ILE A 61 45.38 -11.69 8.29
C ILE A 61 45.84 -11.73 6.82
N VAL A 62 47.07 -12.16 6.62
CA VAL A 62 47.62 -12.19 5.28
C VAL A 62 46.88 -13.16 4.37
N THR A 63 46.47 -14.31 4.90
CA THR A 63 45.73 -15.19 4.02
C THR A 63 44.34 -14.52 3.62
N PHE A 64 43.73 -13.85 4.56
CA PHE A 64 42.45 -13.19 4.30
C PHE A 64 42.65 -12.15 3.19
N TYR A 65 43.69 -11.34 3.31
CA TYR A 65 43.97 -10.33 2.29
C TYR A 65 44.32 -10.93 0.95
N ARG A 66 45.00 -12.07 0.97
CA ARG A 66 45.29 -12.74 -0.30
C ARG A 66 43.96 -13.25 -0.99
N GLU A 67 42.97 -13.67 -0.20
CA GLU A 67 41.71 -14.13 -0.82
C GLU A 67 41.02 -12.90 -1.42
N LEU A 68 41.10 -11.77 -0.74
CA LEU A 68 40.45 -10.58 -1.29
C LEU A 68 41.16 -10.18 -2.60
N ALA A 69 42.48 -10.30 -2.62
CA ALA A 69 43.25 -9.87 -3.80
C ALA A 69 42.88 -10.80 -4.97
N LEU A 70 42.66 -12.06 -4.64
CA LEU A 70 42.28 -13.04 -5.63
C LEU A 70 40.95 -12.63 -6.29
N LEU A 71 39.99 -12.25 -5.47
CA LEU A 71 38.67 -11.80 -5.95
C LEU A 71 38.85 -10.53 -6.84
N PHE A 72 39.65 -9.55 -6.39
CA PHE A 72 39.84 -8.36 -7.24
C PHE A 72 40.52 -8.75 -8.59
N TRP A 73 41.58 -9.57 -8.55
CA TRP A 73 42.27 -10.04 -9.74
C TRP A 73 41.31 -10.77 -10.74
N LEU A 74 40.51 -11.69 -10.22
CA LEU A 74 39.56 -12.47 -11.03
C LEU A 74 38.55 -11.53 -11.72
N ASP A 75 38.05 -10.55 -10.98
CA ASP A 75 37.12 -9.61 -11.59
C ASP A 75 37.85 -8.91 -12.80
N ASP A 76 39.07 -8.42 -12.56
CA ASP A 76 39.82 -7.79 -13.66
C ASP A 76 40.14 -8.75 -14.79
N CYS A 77 40.43 -9.99 -14.48
CA CYS A 77 40.70 -10.92 -15.57
C CYS A 77 39.48 -11.02 -16.48
N ASN A 78 38.28 -11.01 -15.88
CA ASN A 78 37.03 -11.14 -16.64
C ASN A 78 36.74 -9.87 -17.42
N ASP A 79 37.00 -8.72 -16.83
CA ASP A 79 36.72 -7.47 -17.50
C ASP A 79 37.77 -6.85 -18.37
N LEU A 80 39.04 -7.07 -18.10
CA LEU A 80 40.03 -6.43 -18.93
C LEU A 80 40.80 -7.46 -19.75
N GLY A 81 40.30 -8.70 -19.79
CA GLY A 81 40.97 -9.74 -20.54
C GLY A 81 42.46 -9.88 -20.18
N LEU A 82 42.80 -9.77 -18.90
CA LEU A 82 44.20 -9.88 -18.51
C LEU A 82 44.86 -11.18 -18.89
N ILE A 83 44.09 -12.25 -19.06
CA ILE A 83 44.66 -13.53 -19.41
C ILE A 83 43.67 -14.07 -20.44
N SER A 84 44.01 -15.20 -21.05
CA SER A 84 43.17 -15.74 -22.09
C SER A 84 42.02 -16.55 -21.57
N PRO A 85 40.95 -16.69 -22.39
CA PRO A 85 39.76 -17.47 -22.04
C PRO A 85 40.15 -18.90 -21.58
N GLU A 86 41.13 -19.51 -22.27
CA GLU A 86 41.65 -20.83 -21.90
C GLU A 86 42.33 -20.74 -20.49
N GLN A 87 43.10 -19.69 -20.25
CA GLN A 87 43.71 -19.51 -18.94
C GLN A 87 42.66 -19.28 -17.83
N LEU A 88 41.68 -18.41 -18.08
CA LEU A 88 40.65 -18.16 -17.09
C LEU A 88 39.89 -19.42 -16.69
N ALA A 89 39.60 -20.28 -17.67
CA ALA A 89 38.86 -21.51 -17.39
C ALA A 89 39.72 -22.42 -16.53
N ALA A 90 41.03 -22.51 -16.82
CA ALA A 90 41.87 -23.38 -16.01
C ALA A 90 42.02 -22.87 -14.53
N VAL A 91 42.06 -21.55 -14.41
CA VAL A 91 42.20 -20.85 -13.11
C VAL A 91 40.92 -21.10 -12.35
N GLU A 92 39.80 -20.93 -13.03
CA GLU A 92 38.55 -21.15 -12.34
C GLU A 92 38.36 -22.61 -11.85
N GLN A 93 38.81 -23.57 -12.65
CA GLN A 93 38.70 -24.98 -12.30
C GLN A 93 39.59 -25.25 -11.07
N ALA A 94 40.80 -24.73 -11.09
CA ALA A 94 41.72 -24.91 -9.96
C ALA A 94 41.14 -24.30 -8.68
N LEU A 95 40.63 -23.09 -8.79
CA LEU A 95 40.12 -22.42 -7.61
C LEU A 95 38.81 -22.98 -7.10
N GLY A 96 37.98 -23.48 -8.01
CA GLY A 96 36.69 -24.03 -7.61
C GLY A 96 36.73 -25.44 -7.01
N GLN A 97 37.84 -26.15 -7.24
CA GLN A 97 38.04 -27.51 -6.73
C GLN A 97 39.16 -27.55 -5.69
N GLY A 98 39.89 -26.42 -5.58
CA GLY A 98 41.02 -26.27 -4.68
C GLY A 98 42.21 -27.16 -5.08
N VAL A 99 42.55 -27.15 -6.38
CA VAL A 99 43.71 -27.93 -6.89
C VAL A 99 44.65 -27.04 -7.68
N PRO A 100 45.85 -27.54 -8.03
CA PRO A 100 46.75 -26.66 -8.81
C PRO A 100 46.16 -26.39 -10.19
N CYS A 101 46.52 -25.25 -10.76
CA CYS A 101 46.03 -24.88 -12.10
C CYS A 101 46.73 -25.78 -13.15
N ALA A 102 46.02 -26.26 -14.15
CA ALA A 102 46.70 -27.14 -15.08
C ALA A 102 47.64 -26.42 -16.05
N LEU A 103 47.43 -25.12 -16.25
CA LEU A 103 48.30 -24.33 -17.13
C LEU A 103 49.35 -23.61 -16.31
N PRO A 104 50.49 -23.32 -16.93
CA PRO A 104 51.45 -22.64 -16.08
C PRO A 104 51.17 -21.14 -15.94
N GLY A 105 51.84 -20.57 -14.95
CA GLY A 105 51.74 -19.15 -14.69
C GLY A 105 50.75 -18.78 -13.61
N PHE A 106 50.21 -19.80 -12.93
CA PHE A 106 49.19 -19.54 -11.89
C PHE A 106 49.42 -20.38 -10.63
N GLU A 107 50.68 -20.55 -10.26
CA GLU A 107 51.03 -21.34 -9.11
C GLU A 107 50.39 -20.78 -7.83
N GLY A 108 50.12 -19.48 -7.80
CA GLY A 108 49.48 -18.93 -6.59
C GLY A 108 48.12 -19.53 -6.23
N CYS A 109 47.42 -20.09 -7.21
CA CYS A 109 46.13 -20.69 -6.95
C CYS A 109 46.28 -21.87 -5.98
N ALA A 110 47.33 -22.65 -6.21
CA ALA A 110 47.62 -23.85 -5.42
C ALA A 110 48.05 -23.44 -4.02
N VAL A 111 48.97 -22.49 -3.92
CA VAL A 111 49.50 -22.02 -2.63
C VAL A 111 48.38 -21.46 -1.75
N LEU A 112 47.48 -20.68 -2.35
CA LEU A 112 46.40 -20.08 -1.56
C LEU A 112 45.36 -21.11 -1.04
N ARG A 113 44.93 -21.96 -1.96
CA ARG A 113 43.93 -22.96 -1.60
C ARG A 113 44.50 -23.93 -0.57
N ALA A 114 45.75 -24.28 -0.72
CA ALA A 114 46.36 -25.18 0.25
C ALA A 114 46.48 -24.48 1.66
N SER A 115 46.83 -23.19 1.69
CA SER A 115 46.88 -22.49 2.98
C SER A 115 45.50 -22.47 3.62
N LEU A 116 44.46 -22.21 2.81
CA LEU A 116 43.12 -22.12 3.35
C LEU A 116 42.73 -23.48 3.93
N ALA A 117 43.00 -24.55 3.19
CA ALA A 117 42.67 -25.91 3.61
C ALA A 117 43.36 -26.19 4.96
N THR A 118 44.65 -25.85 5.05
CA THR A 118 45.42 -26.10 6.26
C THR A 118 44.92 -25.30 7.47
N LEU A 119 44.61 -24.01 7.25
CA LEU A 119 44.19 -23.10 8.28
C LEU A 119 42.75 -23.22 8.68
N ALA A 120 41.94 -23.92 7.90
CA ALA A 120 40.50 -23.91 8.23
C ALA A 120 40.16 -24.40 9.64
N TYR A 121 39.45 -23.55 10.41
CA TYR A 121 39.04 -23.92 11.74
C TYR A 121 38.02 -25.06 11.62
N ASP A 122 37.00 -24.86 10.78
CA ASP A 122 35.93 -25.83 10.52
C ASP A 122 36.03 -26.07 8.99
N ARG A 123 36.48 -27.27 8.60
CA ARG A 123 36.66 -27.54 7.18
C ARG A 123 35.41 -27.34 6.34
N ARG A 124 34.23 -27.36 6.96
CA ARG A 124 33.01 -27.15 6.16
C ARG A 124 33.11 -25.76 5.49
N ASP A 125 33.79 -24.78 6.13
CA ASP A 125 33.93 -23.42 5.55
C ASP A 125 34.84 -23.40 4.30
N TYR A 126 35.81 -24.30 4.29
CA TYR A 126 36.71 -24.43 3.16
C TYR A 126 35.86 -24.93 1.97
N ALA A 127 35.03 -25.97 2.16
CA ALA A 127 34.23 -26.42 1.00
C ALA A 127 33.27 -25.30 0.56
N GLN A 128 32.70 -24.63 1.54
CA GLN A 128 31.79 -23.53 1.22
C GLN A 128 32.55 -22.48 0.39
N LEU A 129 33.78 -22.17 0.80
CA LEU A 129 34.57 -21.17 0.07
C LEU A 129 34.81 -21.63 -1.38
N LEU A 130 35.06 -22.92 -1.60
CA LEU A 130 35.24 -23.43 -3.00
C LEU A 130 33.91 -23.22 -3.76
N ASP A 131 32.79 -23.60 -3.15
CA ASP A 131 31.51 -23.41 -3.86
C ASP A 131 31.24 -21.94 -4.15
N ASP A 132 31.54 -21.07 -3.17
CA ASP A 132 31.39 -19.60 -3.37
C ASP A 132 32.28 -19.05 -4.48
N THR A 133 33.47 -19.60 -4.58
CA THR A 133 34.40 -19.21 -5.62
C THR A 133 33.83 -19.58 -7.00
N ARG A 134 33.24 -20.78 -7.06
CA ARG A 134 32.61 -21.26 -8.30
C ARG A 134 31.45 -20.33 -8.68
N CYS A 135 30.58 -20.02 -7.70
CA CYS A 135 29.43 -19.15 -7.95
C CYS A 135 29.91 -17.79 -8.42
N TYR A 136 30.91 -17.28 -7.71
CA TYR A 136 31.49 -15.99 -8.02
C TYR A 136 32.02 -15.91 -9.46
N SER A 137 32.92 -16.82 -9.86
CA SER A 137 33.48 -16.75 -11.23
C SER A 137 32.42 -16.94 -12.30
N ALA A 138 31.44 -17.82 -12.03
CA ALA A 138 30.34 -18.07 -12.96
C ALA A 138 29.49 -16.80 -13.14
N ALA A 139 29.28 -16.05 -12.05
CA ALA A 139 28.48 -14.85 -12.11
C ALA A 139 29.17 -13.75 -12.89
N LEU A 140 30.48 -13.65 -12.69
CA LEU A 140 31.27 -12.65 -13.39
C LEU A 140 31.12 -12.93 -14.90
N ARG A 141 31.18 -14.19 -15.29
CA ARG A 141 31.08 -14.55 -16.71
C ARG A 141 29.65 -14.30 -17.23
N ALA A 142 28.66 -14.77 -16.47
CA ALA A 142 27.27 -14.58 -16.84
C ALA A 142 26.95 -13.08 -17.06
N GLY A 143 27.41 -12.21 -16.16
CA GLY A 143 27.11 -10.80 -16.36
C GLY A 143 27.77 -10.24 -17.63
N HIS A 144 28.98 -10.71 -17.90
CA HIS A 144 29.73 -10.30 -19.09
C HIS A 144 28.99 -10.79 -20.35
N ALA A 145 28.53 -12.03 -20.35
CA ALA A 145 27.83 -12.61 -21.48
C ALA A 145 26.48 -11.98 -21.78
N GLN A 146 25.72 -11.70 -20.72
CA GLN A 146 24.39 -11.12 -20.85
C GLN A 146 24.46 -9.72 -21.45
N ALA A 147 25.59 -9.05 -21.25
CA ALA A 147 25.81 -7.73 -21.78
C ALA A 147 25.87 -7.66 -23.33
N VAL A 148 26.08 -8.80 -24.02
CA VAL A 148 26.07 -8.82 -25.49
C VAL A 148 25.12 -9.90 -25.94
N ALA A 149 24.29 -10.33 -25.01
CA ALA A 149 23.35 -11.38 -25.33
C ALA A 149 22.23 -10.78 -26.17
N ALA A 150 21.52 -11.65 -26.88
CA ALA A 150 20.40 -11.28 -27.74
C ALA A 150 19.26 -10.66 -26.95
N GLU A 151 18.94 -11.25 -25.80
CA GLU A 151 17.86 -10.79 -24.92
C GLU A 151 18.46 -10.24 -23.60
N ARG A 152 17.86 -9.17 -23.09
CA ARG A 152 18.28 -8.58 -21.83
C ARG A 152 17.63 -9.38 -20.68
N TRP A 153 18.33 -9.60 -19.59
CA TRP A 153 17.60 -10.30 -18.57
C TRP A 153 16.70 -9.33 -17.73
N SER A 154 15.84 -9.92 -16.93
CA SER A 154 14.94 -9.16 -16.04
C SER A 154 15.76 -8.63 -14.89
N TYR A 155 15.15 -7.69 -14.15
CA TYR A 155 15.75 -7.12 -12.93
C TYR A 155 16.02 -8.29 -11.98
N ALA A 156 15.10 -9.25 -11.94
CA ALA A 156 15.24 -10.40 -11.05
C ALA A 156 16.48 -11.25 -11.36
N GLU A 157 16.75 -11.47 -12.64
CA GLU A 157 17.93 -12.30 -12.99
C GLU A 157 19.19 -11.52 -12.68
N TYR A 158 19.17 -10.22 -12.98
CA TYR A 158 20.30 -9.39 -12.76
C TYR A 158 20.69 -9.43 -11.29
N LEU A 159 19.73 -9.14 -10.42
CA LEU A 159 19.98 -9.12 -9.00
C LEU A 159 20.41 -10.49 -8.47
N HIS A 160 19.82 -11.58 -8.95
CA HIS A 160 20.27 -12.90 -8.43
C HIS A 160 21.75 -13.06 -8.83
N ASN A 161 22.07 -12.76 -10.09
CA ASN A 161 23.46 -12.91 -10.53
C ASN A 161 24.39 -11.95 -9.74
N GLY A 162 23.87 -10.74 -9.54
CA GLY A 162 24.60 -9.68 -8.87
C GLY A 162 24.93 -10.01 -7.44
N ILE A 163 24.06 -10.81 -6.82
CA ILE A 163 24.30 -11.23 -5.44
C ILE A 163 25.51 -12.16 -5.41
N ASP A 164 25.71 -12.96 -6.43
CA ASP A 164 26.86 -13.85 -6.44
C ASP A 164 28.10 -13.09 -6.84
N SER A 165 27.96 -12.14 -7.78
CA SER A 165 29.14 -11.43 -8.23
C SER A 165 29.73 -10.42 -7.22
N ILE A 166 28.94 -9.89 -6.27
CA ILE A 166 29.49 -8.89 -5.29
C ILE A 166 30.49 -9.59 -4.31
N ALA A 167 30.40 -10.92 -4.26
CA ALA A 167 31.29 -11.75 -3.43
C ALA A 167 31.37 -11.61 -1.92
N TYR A 168 30.33 -11.04 -1.31
CA TYR A 168 30.25 -10.90 0.15
C TYR A 168 30.21 -12.28 0.80
N ALA A 169 29.57 -13.22 0.13
CA ALA A 169 29.50 -14.58 0.63
C ALA A 169 30.95 -15.11 0.79
N ASN A 170 31.78 -14.85 -0.21
CA ASN A 170 33.16 -15.29 -0.20
C ASN A 170 33.89 -14.67 0.95
N VAL A 171 33.65 -13.38 1.16
CA VAL A 171 34.35 -12.67 2.25
C VAL A 171 34.00 -13.26 3.62
N PHE A 172 32.70 -13.49 3.83
CA PHE A 172 32.22 -14.02 5.11
C PHE A 172 32.77 -15.41 5.41
N CYS A 173 32.73 -16.23 4.38
CA CYS A 173 33.18 -17.58 4.47
C CYS A 173 34.70 -17.64 4.82
N CYS A 174 35.50 -16.80 4.14
CA CYS A 174 36.93 -16.72 4.38
C CYS A 174 37.20 -16.25 5.82
N LEU A 175 36.44 -15.24 6.29
CA LEU A 175 36.60 -14.82 7.65
C LEU A 175 36.24 -15.97 8.61
N SER A 176 35.16 -16.71 8.36
CA SER A 176 34.76 -17.79 9.25
C SER A 176 35.82 -18.87 9.24
N LEU A 177 36.34 -19.16 8.04
CA LEU A 177 37.40 -20.15 7.91
C LEU A 177 38.63 -19.90 8.84
N LEU A 178 39.16 -18.65 8.79
CA LEU A 178 40.36 -18.28 9.52
C LEU A 178 40.18 -17.99 11.00
N TRP A 179 39.05 -17.37 11.37
CA TRP A 179 38.76 -17.02 12.75
C TRP A 179 37.79 -17.90 13.54
N GLY A 180 37.35 -19.01 12.95
CA GLY A 180 36.46 -19.95 13.65
C GLY A 180 35.13 -19.36 14.00
N LEU A 181 34.51 -18.71 13.01
CA LEU A 181 33.27 -18.01 13.29
C LEU A 181 31.96 -18.81 13.14
N ASP A 182 32.07 -20.10 12.84
CA ASP A 182 30.92 -21.01 12.78
C ASP A 182 29.87 -20.67 11.73
N MET A 183 30.28 -20.13 10.59
CA MET A 183 29.27 -19.79 9.58
C MET A 183 28.52 -21.07 9.10
N ALA A 184 29.21 -22.21 9.01
CA ALA A 184 28.53 -23.40 8.53
C ALA A 184 27.42 -23.84 9.47
N THR A 185 27.57 -23.59 10.76
CA THR A 185 26.50 -23.95 11.72
C THR A 185 25.37 -22.93 11.63
N LEU A 186 25.71 -21.65 11.57
CA LEU A 186 24.69 -20.64 11.53
C LEU A 186 23.87 -20.79 10.25
N ARG A 187 24.48 -21.33 9.19
CA ARG A 187 23.73 -21.49 7.93
C ARG A 187 22.53 -22.44 8.00
N ALA A 188 22.38 -23.14 9.11
CA ALA A 188 21.26 -24.05 9.26
C ALA A 188 20.03 -23.21 9.60
N ARG A 189 20.25 -21.93 9.96
CA ARG A 189 19.12 -21.07 10.29
C ARG A 189 18.60 -20.33 9.04
N PRO A 190 17.31 -20.50 8.70
CA PRO A 190 16.77 -19.83 7.52
C PRO A 190 17.02 -18.29 7.54
N ALA A 191 16.87 -17.70 8.70
CA ALA A 191 17.03 -16.27 8.81
C ALA A 191 18.46 -15.86 8.55
N PHE A 192 19.41 -16.76 8.89
CA PHE A 192 20.79 -16.43 8.65
C PHE A 192 20.99 -16.42 7.14
N ARG A 193 20.53 -17.46 6.48
CA ARG A 193 20.68 -17.50 5.01
C ARG A 193 19.98 -16.28 4.40
N GLN A 194 18.86 -15.86 4.97
CA GLN A 194 18.14 -14.67 4.42
C GLN A 194 19.02 -13.40 4.55
N VAL A 195 19.62 -13.18 5.71
CA VAL A 195 20.42 -11.96 5.83
C VAL A 195 21.65 -12.00 4.91
N LEU A 196 22.14 -13.18 4.58
CA LEU A 196 23.28 -13.26 3.66
C LEU A 196 22.86 -12.74 2.29
N ARG A 197 21.66 -13.12 1.86
CA ARG A 197 21.16 -12.67 0.57
C ARG A 197 20.85 -11.19 0.64
N LEU A 198 20.26 -10.69 1.72
CA LEU A 198 20.00 -9.25 1.86
C LEU A 198 21.26 -8.38 1.81
N ILE A 199 22.28 -8.76 2.60
CA ILE A 199 23.50 -7.93 2.62
C ILE A 199 24.19 -7.93 1.26
N SER A 200 24.16 -9.06 0.55
CA SER A 200 24.76 -9.12 -0.79
C SER A 200 23.99 -8.23 -1.76
N ALA A 201 22.66 -8.34 -1.71
CA ALA A 201 21.84 -7.51 -2.61
C ALA A 201 22.15 -6.02 -2.27
N ILE A 202 22.22 -5.70 -0.98
CA ILE A 202 22.54 -4.34 -0.59
C ILE A 202 23.92 -3.91 -1.20
N GLY A 203 24.92 -4.79 -1.09
CA GLY A 203 26.22 -4.43 -1.65
C GLY A 203 26.09 -4.23 -3.18
N ARG A 204 25.37 -5.14 -3.83
CA ARG A 204 25.21 -5.00 -5.27
C ARG A 204 24.46 -3.70 -5.67
N LEU A 205 23.40 -3.34 -4.98
CA LEU A 205 22.67 -2.12 -5.34
C LEU A 205 23.56 -0.88 -5.05
N GLN A 206 24.20 -0.87 -3.87
CA GLN A 206 25.11 0.24 -3.54
C GLN A 206 26.18 0.43 -4.62
N ASN A 207 26.88 -0.65 -5.01
CA ASN A 207 27.91 -0.53 -6.01
C ASN A 207 27.38 -0.01 -7.34
N ASP A 208 26.26 -0.56 -7.78
CA ASP A 208 25.66 -0.15 -9.05
C ASP A 208 25.15 1.31 -9.03
N LEU A 209 24.62 1.78 -7.91
CA LEU A 209 24.15 3.15 -7.88
C LEU A 209 25.35 4.08 -7.86
N HIS A 210 26.52 3.52 -7.61
CA HIS A 210 27.68 4.35 -7.62
C HIS A 210 28.38 4.41 -8.99
N GLY A 211 28.47 3.28 -9.68
CA GLY A 211 29.16 3.25 -10.97
C GLY A 211 28.40 3.39 -12.28
N CYS A 212 27.12 3.77 -12.21
CA CYS A 212 26.26 3.90 -13.41
C CYS A 212 26.65 5.00 -14.40
N ASP A 213 27.41 6.00 -13.94
CA ASP A 213 27.83 7.09 -14.82
C ASP A 213 29.19 6.71 -15.40
N LYS A 214 29.96 5.94 -14.62
CA LYS A 214 31.26 5.44 -15.06
C LYS A 214 31.00 4.57 -16.30
N ASP A 215 30.12 3.57 -16.09
CA ASP A 215 29.70 2.57 -17.10
C ASP A 215 29.06 3.12 -18.38
N ARG A 216 27.93 3.82 -18.20
CA ARG A 216 27.19 4.41 -19.31
C ARG A 216 28.18 5.05 -20.29
N SER A 217 29.17 5.73 -19.72
CA SER A 217 30.20 6.41 -20.47
C SER A 217 31.07 5.45 -21.28
N ALA A 218 31.54 4.39 -20.62
CA ALA A 218 32.42 3.42 -21.25
C ALA A 218 31.75 2.34 -22.09
N GLY A 219 30.43 2.45 -22.24
CA GLY A 219 29.69 1.46 -23.01
C GLY A 219 29.64 0.12 -22.29
N GLU A 220 29.19 0.14 -21.03
CA GLU A 220 29.05 -1.09 -20.21
C GLU A 220 27.59 -1.26 -19.80
N ALA A 221 26.95 -2.34 -20.27
CA ALA A 221 25.55 -2.58 -19.92
C ALA A 221 25.42 -3.56 -18.75
N ASP A 222 26.53 -3.90 -18.11
CA ASP A 222 26.40 -4.80 -16.97
C ASP A 222 26.25 -4.00 -15.65
N ASN A 223 25.10 -3.34 -15.45
CA ASN A 223 24.86 -2.50 -14.26
C ASN A 223 23.35 -2.28 -14.12
N ALA A 224 22.79 -2.36 -12.92
CA ALA A 224 21.31 -2.24 -12.78
C ALA A 224 20.66 -0.96 -13.38
N VAL A 225 21.28 0.19 -13.14
CA VAL A 225 20.78 1.45 -13.64
C VAL A 225 20.74 1.35 -15.17
N ILE A 226 21.81 0.84 -15.80
CA ILE A 226 21.80 0.74 -17.24
C ILE A 226 20.82 -0.26 -17.79
N LEU A 227 20.74 -1.42 -17.14
CA LEU A 227 19.81 -2.42 -17.62
C LEU A 227 18.35 -1.90 -17.57
N LEU A 228 17.99 -1.31 -16.45
CA LEU A 228 16.63 -0.87 -16.34
C LEU A 228 16.28 0.31 -17.27
N LEU A 229 17.21 1.25 -17.47
CA LEU A 229 16.96 2.39 -18.36
C LEU A 229 16.81 1.91 -19.81
N GLN A 230 17.56 0.88 -20.17
CA GLN A 230 17.47 0.36 -21.51
C GLN A 230 16.15 -0.34 -21.73
N ARG A 231 15.70 -1.14 -20.76
CA ARG A 231 14.45 -1.83 -20.94
C ARG A 231 13.22 -0.97 -20.62
N TYR A 232 13.35 0.04 -19.77
CA TYR A 232 12.15 0.87 -19.40
C TYR A 232 12.56 2.34 -19.33
N PRO A 233 12.76 2.95 -20.50
CA PRO A 233 13.19 4.35 -20.57
C PRO A 233 12.35 5.39 -19.83
N ALA A 234 11.06 5.14 -19.67
CA ALA A 234 10.20 6.08 -18.95
C ALA A 234 10.21 5.90 -17.41
N MET A 235 10.85 4.82 -16.94
CA MET A 235 10.85 4.49 -15.53
C MET A 235 11.82 5.32 -14.76
N PRO A 236 11.49 5.68 -13.49
CA PRO A 236 12.42 6.49 -12.69
C PRO A 236 13.37 5.48 -12.01
N VAL A 237 14.28 4.97 -12.83
CA VAL A 237 15.20 3.94 -12.39
C VAL A 237 16.00 4.24 -11.16
N VAL A 238 16.67 5.39 -11.11
CA VAL A 238 17.47 5.67 -9.93
C VAL A 238 16.61 5.75 -8.67
N GLU A 239 15.40 6.31 -8.82
CA GLU A 239 14.47 6.43 -7.71
C GLU A 239 14.09 5.00 -7.23
N PHE A 240 13.68 4.15 -8.17
CA PHE A 240 13.35 2.78 -7.89
C PHE A 240 14.50 2.01 -7.15
N LEU A 241 15.72 2.06 -7.69
CA LEU A 241 16.83 1.35 -7.10
C LEU A 241 17.18 1.88 -5.71
N ASN A 242 17.08 3.18 -5.49
CA ASN A 242 17.37 3.69 -4.16
C ASN A 242 16.30 3.19 -3.21
N ASP A 243 15.07 3.06 -3.69
CA ASP A 243 13.97 2.57 -2.85
C ASP A 243 14.21 1.09 -2.52
N GLU A 244 14.63 0.33 -3.53
CA GLU A 244 14.97 -1.10 -3.35
C GLU A 244 16.08 -1.24 -2.32
N LEU A 245 17.12 -0.43 -2.45
CA LEU A 245 18.21 -0.44 -1.49
C LEU A 245 17.70 -0.14 -0.06
N ALA A 246 16.82 0.85 0.06
CA ALA A 246 16.33 1.18 1.40
C ALA A 246 15.41 0.06 1.90
N GLY A 247 14.68 -0.55 0.98
CA GLY A 247 13.81 -1.65 1.42
C GLY A 247 14.63 -2.85 1.90
N HIS A 248 15.71 -3.18 1.17
CA HIS A 248 16.55 -4.32 1.59
C HIS A 248 17.20 -4.05 2.95
N THR A 249 17.59 -2.79 3.15
CA THR A 249 18.18 -2.38 4.39
C THR A 249 17.20 -2.47 5.54
N ARG A 250 15.95 -2.02 5.34
CA ARG A 250 14.97 -2.13 6.42
C ARG A 250 14.76 -3.62 6.76
N MET A 251 14.69 -4.48 5.74
CA MET A 251 14.49 -5.92 5.98
C MET A 251 15.68 -6.48 6.78
N LEU A 252 16.87 -6.10 6.34
CA LEU A 252 18.06 -6.59 7.05
C LEU A 252 18.08 -6.16 8.50
N HIS A 253 17.73 -4.89 8.77
CA HIS A 253 17.72 -4.39 10.13
C HIS A 253 16.70 -5.13 10.99
N ARG A 254 15.53 -5.39 10.41
CA ARG A 254 14.51 -6.12 11.15
C ARG A 254 14.99 -7.56 11.49
N VAL A 255 15.50 -8.31 10.51
CA VAL A 255 15.91 -9.68 10.80
C VAL A 255 17.07 -9.68 11.78
N MET A 256 18.06 -8.83 11.59
CA MET A 256 19.21 -8.82 12.53
C MET A 256 18.76 -8.54 13.95
N ALA A 257 17.79 -7.64 14.09
CA ALA A 257 17.26 -7.28 15.41
C ALA A 257 16.49 -8.44 16.07
N GLU A 258 15.78 -9.23 15.27
CA GLU A 258 15.05 -10.38 15.81
C GLU A 258 16.01 -11.54 16.19
N GLU A 259 16.93 -11.85 15.27
CA GLU A 259 17.80 -12.99 15.47
C GLU A 259 18.95 -12.96 16.48
N ARG A 260 19.47 -11.78 16.80
CA ARG A 260 20.57 -11.68 17.75
C ARG A 260 21.67 -12.72 17.45
N PHE A 261 22.24 -12.65 16.24
CA PHE A 261 23.25 -13.60 15.90
C PHE A 261 24.49 -13.44 16.79
N PRO A 262 25.22 -14.54 17.02
CA PRO A 262 26.40 -14.43 17.88
C PRO A 262 27.51 -13.53 17.28
N ALA A 263 28.37 -13.01 18.16
CA ALA A 263 29.48 -12.17 17.73
C ALA A 263 30.34 -13.03 16.80
N PRO A 264 30.97 -12.40 15.79
CA PRO A 264 31.00 -11.01 15.38
C PRO A 264 30.02 -10.77 14.23
N TRP A 265 28.99 -11.62 14.09
CA TRP A 265 28.10 -11.47 12.91
C TRP A 265 27.30 -10.17 12.73
N GLY A 266 26.76 -9.60 13.82
CA GLY A 266 26.04 -8.33 13.70
C GLY A 266 26.97 -7.24 13.21
N PRO A 267 28.10 -7.08 13.91
CA PRO A 267 29.08 -6.06 13.51
C PRO A 267 29.65 -6.32 12.10
N LEU A 268 29.85 -7.60 11.75
CA LEU A 268 30.38 -7.97 10.43
C LEU A 268 29.40 -7.54 9.29
N ILE A 269 28.12 -7.87 9.49
CA ILE A 269 27.05 -7.49 8.54
C ILE A 269 26.99 -5.98 8.47
N GLU A 270 27.10 -5.32 9.63
CA GLU A 270 27.04 -3.85 9.64
C GLU A 270 28.24 -3.24 8.91
N ALA A 271 29.43 -3.81 9.12
CA ALA A 271 30.62 -3.27 8.44
C ALA A 271 30.44 -3.41 6.92
N MET A 272 29.86 -4.51 6.47
CA MET A 272 29.68 -4.63 5.04
C MET A 272 28.61 -3.66 4.53
N ALA A 273 27.63 -3.34 5.36
CA ALA A 273 26.59 -2.40 4.94
C ALA A 273 27.21 -1.04 4.71
N ALA A 274 28.21 -0.73 5.54
CA ALA A 274 28.88 0.56 5.45
C ALA A 274 30.07 0.65 4.48
N ILE A 275 30.63 -0.46 4.02
CA ILE A 275 31.80 -0.33 3.17
C ILE A 275 31.50 0.35 1.82
N ARG A 276 32.29 1.37 1.52
CA ARG A 276 32.12 2.15 0.30
C ARG A 276 33.30 1.82 -0.61
N VAL A 277 33.04 1.54 -1.89
CA VAL A 277 34.12 1.19 -2.80
C VAL A 277 35.16 2.26 -2.68
N GLN A 278 34.69 3.42 -2.27
CA GLN A 278 35.52 4.59 -2.05
C GLN A 278 36.63 4.22 -1.06
N TYR A 279 36.33 3.37 -0.09
CA TYR A 279 37.32 2.99 0.93
C TYR A 279 38.43 2.00 0.50
N TYR A 280 38.49 1.58 -0.76
CA TYR A 280 39.54 0.63 -1.19
C TYR A 280 39.94 0.58 -2.68
N ARG A 281 38.93 0.60 -3.56
CA ARG A 281 39.14 0.56 -5.01
C ARG A 281 39.74 1.88 -5.47
N THR A 282 38.85 2.85 -5.71
CA THR A 282 39.18 4.20 -6.20
C THR A 282 40.62 4.72 -6.10
N SER A 283 41.20 4.58 -4.91
CA SER A 283 42.54 5.08 -4.66
C SER A 283 43.60 4.53 -5.63
N THR A 284 43.91 3.24 -5.50
CA THR A 284 44.92 2.58 -6.33
C THR A 284 44.63 2.48 -7.82
N SER A 285 45.69 2.67 -8.59
CA SER A 285 45.71 2.60 -10.04
C SER A 285 47.14 3.07 -10.37
N ARG A 286 47.92 2.23 -11.04
CA ARG A 286 49.31 2.58 -11.35
C ARG A 286 49.49 3.85 -12.16
N TYR A 287 50.20 4.80 -11.56
CA TYR A 287 50.48 6.09 -12.19
C TYR A 287 51.20 5.90 -13.52
N ARG A 288 50.85 6.78 -14.47
CA ARG A 288 51.46 6.77 -15.79
C ARG A 288 51.64 8.25 -16.18
N SER A 289 52.79 8.58 -16.74
CA SER A 289 53.06 9.96 -17.12
C SER A 289 52.02 10.66 -18.03
N ASP A 290 51.17 9.89 -18.70
CA ASP A 290 50.12 10.46 -19.56
C ASP A 290 50.69 10.87 -20.92
N GLN B 3 -13.42 -38.06 -5.45
CA GLN B 3 -14.51 -37.42 -6.25
C GLN B 3 -14.85 -36.02 -5.74
N THR B 4 -14.89 -35.07 -6.67
CA THR B 4 -15.13 -33.66 -6.37
C THR B 4 -16.23 -33.21 -5.42
N GLU B 5 -17.48 -33.49 -5.76
CA GLU B 5 -18.57 -33.06 -4.90
C GLU B 5 -18.45 -33.65 -3.53
N ARG B 6 -18.07 -34.92 -3.43
CA ARG B 6 -17.91 -35.56 -2.11
C ARG B 6 -16.74 -34.93 -1.31
N ALA B 7 -15.59 -34.80 -1.96
CA ALA B 7 -14.44 -34.21 -1.29
C ALA B 7 -14.94 -32.88 -0.74
N VAL B 8 -15.65 -32.12 -1.57
CA VAL B 8 -16.19 -30.83 -1.13
C VAL B 8 -17.10 -30.91 0.08
N GLN B 9 -17.96 -31.90 0.12
CA GLN B 9 -18.83 -31.97 1.28
C GLN B 9 -18.02 -32.20 2.55
N GLN B 10 -17.07 -33.13 2.50
CA GLN B 10 -16.24 -33.40 3.68
C GLN B 10 -15.45 -32.14 4.17
N VAL B 11 -15.01 -31.30 3.25
CA VAL B 11 -14.28 -30.10 3.63
C VAL B 11 -15.30 -29.16 4.28
N LEU B 12 -16.49 -29.07 3.67
CA LEU B 12 -17.58 -28.23 4.18
C LEU B 12 -18.07 -28.64 5.58
N GLU B 13 -18.13 -29.95 5.88
CA GLU B 13 -18.60 -30.27 7.20
C GLU B 13 -17.56 -29.92 8.23
N TRP B 14 -16.29 -30.23 8.00
CA TRP B 14 -15.27 -29.79 8.98
C TRP B 14 -15.31 -28.25 9.04
N GLY B 15 -15.27 -27.62 7.87
CA GLY B 15 -15.32 -26.17 7.81
C GLY B 15 -16.40 -25.46 8.58
N ARG B 16 -17.47 -26.15 8.97
CA ARG B 16 -18.57 -25.52 9.72
C ARG B 16 -18.17 -25.08 11.10
N SER B 17 -17.10 -25.66 11.60
CA SER B 17 -16.65 -25.33 12.93
C SER B 17 -15.64 -24.21 12.94
N LEU B 18 -15.69 -23.34 11.92
CA LEU B 18 -14.78 -22.18 11.84
C LEU B 18 -15.58 -20.90 11.50
N THR B 19 -15.54 -19.92 12.40
CA THR B 19 -16.27 -18.68 12.16
C THR B 19 -15.66 -18.04 10.89
N GLY B 20 -16.53 -17.58 9.98
CA GLY B 20 -16.06 -16.94 8.77
C GLY B 20 -15.81 -17.88 7.61
N PHE B 21 -16.02 -19.18 7.79
CA PHE B 21 -15.79 -20.11 6.70
C PHE B 21 -16.87 -20.01 5.61
N ALA B 22 -16.45 -19.86 4.36
CA ALA B 22 -17.41 -19.78 3.25
C ALA B 22 -17.31 -21.02 2.39
N ASP B 23 -18.34 -21.29 1.59
CA ASP B 23 -18.28 -22.46 0.74
C ASP B 23 -17.18 -22.38 -0.31
N GLU B 24 -16.91 -21.20 -0.88
CA GLU B 24 -15.84 -21.12 -1.88
C GLU B 24 -14.46 -21.49 -1.32
N HIS B 25 -14.30 -21.41 0.01
CA HIS B 25 -13.07 -21.82 0.67
C HIS B 25 -12.90 -23.29 0.35
N ALA B 26 -13.94 -24.09 0.62
CA ALA B 26 -13.89 -25.52 0.35
C ALA B 26 -13.76 -25.78 -1.15
N VAL B 27 -14.57 -25.08 -1.94
CA VAL B 27 -14.52 -25.27 -3.36
C VAL B 27 -13.18 -24.95 -4.01
N GLU B 28 -12.53 -23.86 -3.64
CA GLU B 28 -11.24 -23.52 -4.25
C GLU B 28 -10.21 -24.56 -3.79
N ALA B 29 -10.34 -24.97 -2.53
CA ALA B 29 -9.44 -25.95 -1.95
C ALA B 29 -9.47 -27.22 -2.72
N VAL B 30 -10.66 -27.77 -2.91
CA VAL B 30 -10.77 -29.02 -3.67
C VAL B 30 -10.26 -28.89 -5.12
N ARG B 31 -10.68 -27.83 -5.79
CA ARG B 31 -10.25 -27.63 -7.15
C ARG B 31 -8.72 -27.48 -7.28
N GLY B 32 -8.10 -26.63 -6.45
CA GLY B 32 -6.65 -26.51 -6.54
C GLY B 32 -5.97 -27.80 -6.08
N GLY B 33 -6.47 -28.39 -5.00
CA GLY B 33 -5.85 -29.62 -4.52
C GLY B 33 -6.00 -30.75 -5.54
N GLN B 34 -7.12 -30.77 -6.21
CA GLN B 34 -7.32 -31.82 -7.20
C GLN B 34 -6.27 -31.66 -8.29
N TYR B 35 -6.20 -30.46 -8.80
CA TYR B 35 -5.26 -30.13 -9.83
C TYR B 35 -3.85 -30.63 -9.49
N ILE B 36 -3.39 -30.37 -8.27
CA ILE B 36 -2.06 -30.82 -7.91
C ILE B 36 -1.94 -32.35 -7.81
N LEU B 37 -2.93 -32.98 -7.21
CA LEU B 37 -2.83 -34.41 -7.04
C LEU B 37 -2.84 -35.16 -8.39
N GLN B 38 -3.65 -34.68 -9.32
CA GLN B 38 -3.69 -35.32 -10.62
C GLN B 38 -2.35 -35.20 -11.29
N ARG B 39 -1.70 -34.04 -11.14
CA ARG B 39 -0.42 -33.87 -11.79
C ARG B 39 0.68 -34.73 -11.20
N ILE B 40 0.68 -34.95 -9.89
CA ILE B 40 1.74 -35.74 -9.32
C ILE B 40 1.45 -37.22 -9.11
N HIS B 41 0.20 -37.62 -9.31
CA HIS B 41 -0.23 -39.03 -9.16
C HIS B 41 0.76 -40.06 -9.75
N PRO B 42 1.06 -39.96 -11.07
CA PRO B 42 2.01 -40.95 -11.60
C PRO B 42 3.30 -41.01 -10.78
N SER B 43 3.82 -39.85 -10.37
CA SER B 43 5.08 -39.87 -9.64
C SER B 43 4.90 -40.34 -8.21
N LEU B 44 3.73 -40.00 -7.67
CA LEU B 44 3.43 -40.34 -6.29
C LEU B 44 3.36 -41.85 -6.12
N ARG B 45 2.70 -42.51 -7.09
CA ARG B 45 2.58 -43.98 -7.11
C ARG B 45 3.96 -44.63 -6.99
N GLY B 46 5.03 -43.90 -7.29
CA GLY B 46 6.35 -44.50 -7.24
C GLY B 46 6.98 -44.46 -5.87
N THR B 47 6.38 -43.69 -4.97
CA THR B 47 6.92 -43.59 -3.64
C THR B 47 6.13 -44.43 -2.67
N SER B 48 4.92 -44.82 -3.09
CA SER B 48 4.05 -45.63 -2.25
C SER B 48 4.77 -46.84 -1.65
N ALA B 49 5.26 -47.70 -2.52
CA ALA B 49 5.94 -48.91 -2.07
C ALA B 49 6.92 -48.64 -0.94
N ARG B 50 7.54 -47.48 -0.97
CA ARG B 50 8.48 -47.21 0.10
C ARG B 50 7.76 -46.67 1.33
N THR B 51 6.76 -45.81 1.12
CA THR B 51 6.06 -45.16 2.22
C THR B 51 4.90 -45.84 2.91
N GLY B 52 4.11 -46.59 2.15
CA GLY B 52 2.95 -47.25 2.70
C GLY B 52 1.78 -46.27 2.68
N ARG B 53 2.00 -45.13 2.03
CA ARG B 53 0.99 -44.09 1.90
C ARG B 53 0.42 -44.11 0.48
N ASP B 54 -0.83 -44.55 0.36
CA ASP B 54 -1.47 -44.60 -0.96
C ASP B 54 -1.88 -43.27 -1.56
N PRO B 55 -1.64 -43.09 -2.85
CA PRO B 55 -1.97 -41.90 -3.63
C PRO B 55 -3.43 -41.55 -3.54
N GLN B 56 -4.28 -42.55 -3.49
CA GLN B 56 -5.70 -42.26 -3.46
C GLN B 56 -6.35 -42.49 -2.10
N ASP B 57 -5.53 -42.52 -1.05
CA ASP B 57 -6.07 -42.71 0.29
C ASP B 57 -6.99 -41.56 0.64
N GLU B 58 -8.26 -41.84 0.84
CA GLU B 58 -9.25 -40.83 1.14
C GLU B 58 -8.96 -39.97 2.38
N THR B 59 -8.50 -40.57 3.46
CA THR B 59 -8.20 -39.75 4.63
C THR B 59 -7.05 -38.78 4.31
N LEU B 60 -6.03 -39.23 3.57
CA LEU B 60 -4.93 -38.30 3.26
C LEU B 60 -5.39 -37.15 2.38
N ILE B 61 -6.15 -37.46 1.34
CA ILE B 61 -6.64 -36.46 0.38
C ILE B 61 -7.54 -35.42 1.01
N VAL B 62 -8.47 -35.85 1.85
CA VAL B 62 -9.35 -34.86 2.45
C VAL B 62 -8.63 -33.99 3.47
N THR B 63 -7.64 -34.53 4.20
CA THR B 63 -6.91 -33.68 5.15
C THR B 63 -6.14 -32.61 4.38
N PHE B 64 -5.63 -32.98 3.22
CA PHE B 64 -4.88 -32.04 2.36
C PHE B 64 -5.79 -30.88 1.89
N TYR B 65 -7.00 -31.24 1.46
CA TYR B 65 -7.97 -30.25 0.98
C TYR B 65 -8.40 -29.35 2.12
N ARG B 66 -8.54 -29.91 3.30
CA ARG B 66 -8.90 -29.10 4.45
C ARG B 66 -7.76 -28.12 4.80
N GLU B 67 -6.50 -28.55 4.64
CA GLU B 67 -5.39 -27.62 4.96
C GLU B 67 -5.45 -26.49 3.89
N LEU B 68 -5.70 -26.85 2.65
CA LEU B 68 -5.79 -25.80 1.63
C LEU B 68 -6.94 -24.83 1.98
N ALA B 69 -8.11 -25.33 2.39
CA ALA B 69 -9.22 -24.42 2.70
C ALA B 69 -8.88 -23.55 3.89
N LEU B 70 -8.19 -24.15 4.86
CA LEU B 70 -7.79 -23.37 6.03
C LEU B 70 -6.96 -22.15 5.55
N LEU B 71 -6.04 -22.35 4.61
CA LEU B 71 -5.17 -21.27 4.09
C LEU B 71 -6.02 -20.25 3.39
N PHE B 72 -7.01 -20.68 2.61
CA PHE B 72 -7.86 -19.71 1.90
C PHE B 72 -8.67 -18.88 2.92
N TRP B 73 -9.22 -19.59 3.92
CA TRP B 73 -10.03 -18.97 4.97
C TRP B 73 -9.25 -17.94 5.74
N LEU B 74 -8.02 -18.32 6.15
CA LEU B 74 -7.13 -17.41 6.90
C LEU B 74 -6.87 -16.13 6.11
N ASP B 75 -6.66 -16.27 4.80
CA ASP B 75 -6.46 -15.10 3.97
C ASP B 75 -7.66 -14.17 4.08
N ASP B 76 -8.87 -14.71 3.90
CA ASP B 76 -10.09 -13.92 4.03
C ASP B 76 -10.26 -13.30 5.40
N CYS B 77 -9.88 -14.03 6.45
CA CYS B 77 -9.97 -13.49 7.78
C CYS B 77 -9.18 -12.20 7.94
N ASN B 78 -8.00 -12.17 7.33
CA ASN B 78 -7.12 -11.04 7.46
C ASN B 78 -7.60 -9.83 6.70
N ASP B 79 -8.39 -10.08 5.66
CA ASP B 79 -8.84 -9.00 4.80
C ASP B 79 -10.32 -8.78 4.74
N LEU B 80 -11.11 -9.62 4.08
CA LEU B 80 -12.55 -9.35 4.11
C LEU B 80 -12.92 -9.01 5.58
N GLY B 81 -12.03 -9.37 6.51
CA GLY B 81 -12.24 -9.10 7.92
C GLY B 81 -13.31 -9.96 8.54
N LEU B 82 -13.34 -11.22 8.14
CA LEU B 82 -14.33 -12.10 8.70
C LEU B 82 -14.25 -12.06 10.25
N ILE B 83 -13.05 -11.82 10.82
CA ILE B 83 -12.85 -11.80 12.29
C ILE B 83 -11.91 -10.68 12.88
N SER B 84 -11.80 -10.57 14.21
CA SER B 84 -10.94 -9.53 14.85
C SER B 84 -9.47 -9.87 15.04
N PRO B 85 -8.61 -8.86 15.26
CA PRO B 85 -7.18 -9.12 15.46
C PRO B 85 -6.92 -10.01 16.69
N GLU B 86 -7.86 -9.94 17.62
CA GLU B 86 -7.80 -10.74 18.83
C GLU B 86 -8.16 -12.15 18.45
N GLN B 87 -9.30 -12.32 17.78
CA GLN B 87 -9.73 -13.64 17.34
C GLN B 87 -8.67 -14.28 16.40
N LEU B 88 -8.08 -13.44 15.55
CA LEU B 88 -7.08 -13.90 14.61
C LEU B 88 -5.81 -14.28 15.32
N ALA B 89 -5.45 -13.51 16.35
CA ALA B 89 -4.26 -13.81 17.12
C ALA B 89 -4.42 -15.17 17.85
N ALA B 90 -5.64 -15.49 18.28
CA ALA B 90 -5.91 -16.74 19.00
C ALA B 90 -5.82 -17.88 18.00
N VAL B 91 -6.44 -17.67 16.86
CA VAL B 91 -6.41 -18.66 15.78
C VAL B 91 -4.95 -18.91 15.39
N GLU B 92 -4.17 -17.84 15.24
CA GLU B 92 -2.76 -17.99 14.85
C GLU B 92 -1.96 -18.86 15.81
N GLN B 93 -2.22 -18.65 17.09
CA GLN B 93 -1.54 -19.41 18.12
C GLN B 93 -1.99 -20.86 18.02
N ALA B 94 -3.29 -21.11 17.78
CA ALA B 94 -3.75 -22.49 17.68
C ALA B 94 -3.14 -23.23 16.51
N LEU B 95 -3.13 -22.57 15.36
CA LEU B 95 -2.60 -23.23 14.18
C LEU B 95 -1.11 -23.25 14.16
N GLY B 96 -0.47 -22.25 14.75
CA GLY B 96 0.98 -22.19 14.72
C GLY B 96 1.64 -23.01 15.85
N GLN B 97 0.88 -23.40 16.87
CA GLN B 97 1.50 -24.21 17.94
C GLN B 97 0.83 -25.57 18.04
N GLY B 98 -0.33 -25.73 17.44
CA GLY B 98 -1.04 -27.01 17.50
C GLY B 98 -1.84 -27.22 18.79
N VAL B 99 -2.37 -26.13 19.37
CA VAL B 99 -3.13 -26.22 20.62
C VAL B 99 -4.56 -25.79 20.51
N PRO B 100 -5.39 -26.03 21.55
CA PRO B 100 -6.79 -25.63 21.48
C PRO B 100 -6.81 -24.10 21.34
N CYS B 101 -7.75 -23.58 20.57
CA CYS B 101 -7.81 -22.14 20.41
C CYS B 101 -8.34 -21.60 21.73
N ALA B 102 -7.72 -20.55 22.25
CA ALA B 102 -8.16 -19.98 23.52
C ALA B 102 -9.48 -19.18 23.42
N LEU B 103 -9.97 -18.93 22.21
CA LEU B 103 -11.23 -18.22 22.06
C LEU B 103 -12.22 -19.12 21.36
N PRO B 104 -13.51 -18.95 21.66
CA PRO B 104 -14.54 -19.78 21.04
C PRO B 104 -14.80 -19.45 19.57
N GLY B 105 -15.30 -20.45 18.86
CA GLY B 105 -15.69 -20.27 17.47
C GLY B 105 -14.77 -20.81 16.39
N PHE B 106 -13.69 -21.43 16.82
CA PHE B 106 -12.67 -21.92 15.90
C PHE B 106 -12.20 -23.32 16.26
N GLU B 107 -13.13 -24.22 16.58
CA GLU B 107 -12.79 -25.61 16.96
C GLU B 107 -12.11 -26.42 15.81
N GLY B 108 -12.50 -26.10 14.57
CA GLY B 108 -11.92 -26.78 13.45
C GLY B 108 -10.41 -26.63 13.45
N CYS B 109 -9.87 -25.62 14.13
CA CYS B 109 -8.42 -25.47 14.15
C CYS B 109 -7.70 -26.62 14.87
N ALA B 110 -8.13 -26.90 16.09
CA ALA B 110 -7.43 -27.93 16.88
C ALA B 110 -7.67 -29.26 16.23
N VAL B 111 -8.84 -29.41 15.63
CA VAL B 111 -9.17 -30.69 15.02
C VAL B 111 -8.33 -31.03 13.81
N LEU B 112 -8.13 -30.08 12.92
CA LEU B 112 -7.31 -30.32 11.75
C LEU B 112 -5.87 -30.59 12.16
N ARG B 113 -5.34 -29.73 13.03
CA ARG B 113 -3.96 -29.89 13.45
C ARG B 113 -3.74 -31.26 14.14
N ALA B 114 -4.74 -31.68 14.91
CA ALA B 114 -4.64 -32.96 15.62
C ALA B 114 -4.54 -34.08 14.54
N SER B 115 -5.42 -34.04 13.55
CA SER B 115 -5.37 -35.07 12.50
C SER B 115 -4.00 -35.07 11.79
N LEU B 116 -3.48 -33.86 11.50
CA LEU B 116 -2.23 -33.74 10.79
C LEU B 116 -1.14 -34.36 11.63
N ALA B 117 -1.14 -34.03 12.92
CA ALA B 117 -0.14 -34.60 13.83
C ALA B 117 -0.17 -36.16 13.79
N THR B 118 -1.37 -36.73 13.87
CA THR B 118 -1.54 -38.19 13.89
C THR B 118 -1.16 -38.89 12.57
N LEU B 119 -1.42 -38.23 11.45
CA LEU B 119 -1.11 -38.74 10.12
C LEU B 119 0.35 -38.48 9.64
N ALA B 120 1.08 -37.58 10.29
CA ALA B 120 2.41 -37.23 9.84
C ALA B 120 3.33 -38.44 9.65
N TYR B 121 3.87 -38.61 8.44
CA TYR B 121 4.75 -39.73 8.15
C TYR B 121 6.03 -39.50 8.97
N ASP B 122 6.62 -38.32 8.85
CA ASP B 122 7.81 -37.90 9.61
C ASP B 122 7.28 -36.70 10.47
N ARG B 123 7.23 -36.86 11.80
CA ARG B 123 6.73 -35.78 12.65
C ARG B 123 7.47 -34.45 12.49
N ARG B 124 8.69 -34.50 11.96
CA ARG B 124 9.41 -33.29 11.69
C ARG B 124 8.58 -32.45 10.72
N ASP B 125 7.89 -33.09 9.77
CA ASP B 125 7.10 -32.31 8.82
C ASP B 125 5.95 -31.60 9.54
N TYR B 126 5.46 -32.15 10.63
CA TYR B 126 4.39 -31.47 11.35
C TYR B 126 4.96 -30.21 12.05
N ALA B 127 6.13 -30.34 12.65
CA ALA B 127 6.76 -29.20 13.29
C ALA B 127 7.00 -28.16 12.18
N GLN B 128 7.45 -28.62 11.01
CA GLN B 128 7.69 -27.70 9.92
C GLN B 128 6.41 -27.00 9.50
N LEU B 129 5.33 -27.74 9.41
CA LEU B 129 4.07 -27.18 9.00
C LEU B 129 3.66 -26.09 10.00
N LEU B 130 3.84 -26.33 11.32
CA LEU B 130 3.46 -25.29 12.29
C LEU B 130 4.31 -24.01 11.99
N ASP B 131 5.61 -24.23 11.75
CA ASP B 131 6.55 -23.15 11.43
C ASP B 131 6.06 -22.33 10.20
N ASP B 132 5.75 -23.07 9.13
CA ASP B 132 5.26 -22.45 7.89
C ASP B 132 3.96 -21.71 8.12
N THR B 133 3.11 -22.26 8.99
CA THR B 133 1.84 -21.64 9.31
C THR B 133 2.06 -20.26 9.96
N ARG B 134 2.96 -20.17 10.95
CA ARG B 134 3.25 -18.88 11.61
C ARG B 134 3.83 -17.93 10.56
N CYS B 135 4.75 -18.41 9.72
CA CYS B 135 5.31 -17.55 8.67
C CYS B 135 4.20 -17.00 7.73
N TYR B 136 3.31 -17.87 7.26
CA TYR B 136 2.20 -17.48 6.37
C TYR B 136 1.24 -16.48 7.04
N SER B 137 0.82 -16.75 8.27
CA SER B 137 -0.12 -15.79 8.83
C SER B 137 0.53 -14.42 9.12
N ALA B 138 1.77 -14.42 9.56
CA ALA B 138 2.46 -13.19 9.79
C ALA B 138 2.59 -12.40 8.48
N ALA B 139 2.80 -13.12 7.35
CA ALA B 139 2.93 -12.44 6.07
C ALA B 139 1.53 -11.90 5.66
N LEU B 140 0.44 -12.63 5.96
CA LEU B 140 -0.88 -12.07 5.65
C LEU B 140 -1.11 -10.77 6.42
N ARG B 141 -0.76 -10.78 7.70
CA ARG B 141 -0.93 -9.60 8.58
C ARG B 141 -0.04 -8.46 8.15
N ALA B 142 1.22 -8.78 7.82
CA ALA B 142 2.12 -7.71 7.34
C ALA B 142 1.57 -7.10 6.02
N GLY B 143 1.17 -7.95 5.08
CA GLY B 143 0.73 -7.36 3.82
C GLY B 143 -0.52 -6.49 3.99
N HIS B 144 -1.43 -6.98 4.83
CA HIS B 144 -2.67 -6.28 5.09
C HIS B 144 -2.39 -4.91 5.75
N ALA B 145 -1.54 -4.92 6.77
CA ALA B 145 -1.23 -3.68 7.43
C ALA B 145 -0.48 -2.72 6.49
N GLN B 146 0.41 -3.24 5.64
CA GLN B 146 1.17 -2.35 4.75
C GLN B 146 0.26 -1.60 3.78
N ALA B 147 -0.81 -2.25 3.36
CA ALA B 147 -1.74 -1.65 2.41
C ALA B 147 -2.36 -0.30 2.92
N VAL B 148 -2.48 -0.14 4.22
CA VAL B 148 -3.06 1.10 4.76
C VAL B 148 -2.06 1.84 5.68
N ALA B 149 -0.78 1.46 5.58
CA ALA B 149 0.23 2.06 6.46
C ALA B 149 0.63 3.49 5.98
N ALA B 150 1.20 4.29 6.87
CA ALA B 150 1.68 5.66 6.56
C ALA B 150 2.72 5.68 5.40
N GLU B 151 3.56 4.65 5.33
CA GLU B 151 4.54 4.64 4.25
C GLU B 151 4.53 3.34 3.48
N ARG B 152 4.84 3.47 2.20
CA ARG B 152 4.79 2.36 1.25
C ARG B 152 6.02 1.48 1.19
N TRP B 153 5.77 0.19 1.06
CA TRP B 153 6.85 -0.78 0.91
C TRP B 153 7.54 -0.61 -0.41
N SER B 154 8.79 -1.07 -0.46
CA SER B 154 9.57 -1.13 -1.70
C SER B 154 9.09 -2.41 -2.39
N TYR B 155 9.42 -2.59 -3.67
CA TYR B 155 9.09 -3.83 -4.41
C TYR B 155 9.80 -5.01 -3.71
N ALA B 156 11.03 -4.78 -3.22
CA ALA B 156 11.76 -5.87 -2.56
C ALA B 156 11.01 -6.37 -1.32
N GLU B 157 10.54 -5.46 -0.48
CA GLU B 157 9.78 -5.89 0.71
C GLU B 157 8.47 -6.61 0.32
N TYR B 158 7.77 -6.06 -0.68
CA TYR B 158 6.52 -6.65 -1.08
C TYR B 158 6.70 -8.06 -1.59
N LEU B 159 7.73 -8.24 -2.40
CA LEU B 159 7.94 -9.53 -3.03
C LEU B 159 8.38 -10.53 -1.98
N HIS B 160 9.28 -10.11 -1.09
CA HIS B 160 9.71 -11.00 -0.03
C HIS B 160 8.52 -11.44 0.83
N ASN B 161 7.65 -10.51 1.20
CA ASN B 161 6.47 -10.87 2.02
C ASN B 161 5.52 -11.75 1.20
N GLY B 162 5.39 -11.38 -0.10
CA GLY B 162 4.52 -12.07 -1.05
C GLY B 162 4.92 -13.53 -1.25
N ILE B 163 6.22 -13.79 -1.13
CA ILE B 163 6.66 -15.16 -1.24
C ILE B 163 6.17 -15.99 -0.04
N ASP B 164 6.07 -15.38 1.15
CA ASP B 164 5.53 -16.13 2.28
C ASP B 164 4.03 -16.20 2.25
N SER B 165 3.37 -15.14 1.76
CA SER B 165 1.89 -15.21 1.81
C SER B 165 1.26 -16.00 0.68
N ILE B 166 2.04 -16.38 -0.34
CA ILE B 166 1.49 -17.20 -1.40
C ILE B 166 1.31 -18.67 -0.86
N ALA B 167 2.01 -19.05 0.21
CA ALA B 167 1.78 -20.35 0.84
C ALA B 167 2.17 -21.64 0.15
N TYR B 168 2.93 -21.53 -0.96
CA TYR B 168 3.39 -22.73 -1.64
C TYR B 168 4.24 -23.61 -0.69
N ALA B 169 5.02 -22.98 0.20
CA ALA B 169 5.84 -23.71 1.16
C ALA B 169 4.93 -24.61 1.98
N ASN B 170 3.77 -24.07 2.38
CA ASN B 170 2.78 -24.77 3.18
C ASN B 170 2.20 -25.96 2.41
N VAL B 171 1.87 -25.72 1.15
CA VAL B 171 1.31 -26.77 0.31
C VAL B 171 2.29 -27.95 0.22
N PHE B 172 3.56 -27.64 -0.01
CA PHE B 172 4.60 -28.66 -0.07
C PHE B 172 4.76 -29.39 1.25
N CYS B 173 4.76 -28.64 2.34
CA CYS B 173 4.95 -29.25 3.63
C CYS B 173 3.84 -30.21 3.92
N CYS B 174 2.61 -29.78 3.66
CA CYS B 174 1.45 -30.61 3.90
C CYS B 174 1.48 -31.95 3.06
N LEU B 175 1.86 -31.86 1.79
CA LEU B 175 1.97 -33.04 0.97
C LEU B 175 3.07 -34.00 1.52
N SER B 176 4.20 -33.45 1.91
CA SER B 176 5.28 -34.27 2.44
C SER B 176 4.82 -34.96 3.73
N LEU B 177 4.17 -34.19 4.59
CA LEU B 177 3.66 -34.71 5.84
C LEU B 177 2.75 -35.94 5.62
N LEU B 178 1.78 -35.77 4.72
CA LEU B 178 0.81 -36.81 4.44
C LEU B 178 1.32 -38.06 3.65
N TRP B 179 2.08 -37.83 2.59
CA TRP B 179 2.58 -38.91 1.76
C TRP B 179 4.04 -39.30 1.98
N GLY B 180 4.69 -38.68 2.96
CA GLY B 180 6.08 -39.02 3.31
C GLY B 180 7.07 -38.69 2.21
N LEU B 181 7.08 -37.43 1.84
CA LEU B 181 7.94 -37.02 0.77
C LEU B 181 9.34 -36.59 1.19
N ASP B 182 9.65 -36.72 2.48
CA ASP B 182 10.97 -36.36 3.03
C ASP B 182 11.44 -34.90 2.71
N MET B 183 10.52 -33.94 2.80
CA MET B 183 10.89 -32.56 2.46
C MET B 183 12.02 -32.05 3.36
N ALA B 184 12.01 -32.48 4.62
CA ALA B 184 13.04 -32.09 5.55
C ALA B 184 14.42 -32.36 4.93
N THR B 185 14.55 -33.51 4.29
CA THR B 185 15.84 -33.82 3.67
C THR B 185 16.09 -32.93 2.48
N LEU B 186 15.11 -32.78 1.60
CA LEU B 186 15.32 -31.90 0.46
C LEU B 186 15.72 -30.46 0.87
N ARG B 187 15.07 -29.93 1.92
CA ARG B 187 15.33 -28.56 2.41
C ARG B 187 16.79 -28.31 2.77
N ALA B 188 17.57 -29.37 2.97
CA ALA B 188 18.96 -29.22 3.30
C ALA B 188 19.76 -28.84 2.05
N ARG B 189 19.12 -28.92 0.88
CA ARG B 189 19.79 -28.58 -0.35
C ARG B 189 19.54 -27.12 -0.78
N PRO B 190 20.62 -26.34 -0.93
CA PRO B 190 20.45 -24.95 -1.35
C PRO B 190 19.61 -24.86 -2.60
N ALA B 191 19.89 -25.69 -3.60
CA ALA B 191 19.10 -25.56 -4.82
C ALA B 191 17.60 -25.83 -4.61
N PHE B 192 17.29 -26.70 -3.64
CA PHE B 192 15.90 -26.95 -3.38
C PHE B 192 15.30 -25.66 -2.77
N ARG B 193 16.02 -25.03 -1.85
CA ARG B 193 15.52 -23.82 -1.23
C ARG B 193 15.31 -22.73 -2.26
N GLN B 194 16.22 -22.65 -3.23
CA GLN B 194 16.13 -21.60 -4.26
C GLN B 194 14.86 -21.84 -5.14
N VAL B 195 14.60 -23.10 -5.53
CA VAL B 195 13.38 -23.36 -6.32
C VAL B 195 12.12 -23.05 -5.52
N LEU B 196 12.16 -23.30 -4.22
CA LEU B 196 11.02 -23.01 -3.40
C LEU B 196 10.69 -21.51 -3.45
N ARG B 197 11.72 -20.67 -3.35
CA ARG B 197 11.50 -19.23 -3.43
C ARG B 197 11.08 -18.85 -4.86
N LEU B 198 11.73 -19.42 -5.88
CA LEU B 198 11.40 -19.09 -7.25
C LEU B 198 9.94 -19.39 -7.55
N ILE B 199 9.47 -20.59 -7.19
CA ILE B 199 8.11 -20.95 -7.48
C ILE B 199 7.10 -20.12 -6.72
N SER B 200 7.47 -19.68 -5.50
CA SER B 200 6.58 -18.87 -4.68
C SER B 200 6.47 -17.50 -5.33
N ALA B 201 7.60 -16.96 -5.82
CA ALA B 201 7.61 -15.64 -6.46
C ALA B 201 6.79 -15.69 -7.76
N ILE B 202 6.93 -16.79 -8.49
CA ILE B 202 6.18 -16.95 -9.75
C ILE B 202 4.69 -16.91 -9.35
N GLY B 203 4.30 -17.69 -8.33
CA GLY B 203 2.91 -17.70 -7.88
C GLY B 203 2.44 -16.34 -7.41
N ARG B 204 3.27 -15.61 -6.66
CA ARG B 204 2.87 -14.27 -6.17
C ARG B 204 2.64 -13.30 -7.35
N LEU B 205 3.59 -13.32 -8.30
CA LEU B 205 3.50 -12.44 -9.48
C LEU B 205 2.31 -12.84 -10.41
N GLN B 206 2.08 -14.13 -10.67
CA GLN B 206 0.96 -14.56 -11.55
C GLN B 206 -0.31 -14.09 -10.90
N ASN B 207 -0.46 -14.40 -9.59
CA ASN B 207 -1.64 -13.95 -8.84
C ASN B 207 -1.89 -12.43 -8.95
N ASP B 208 -0.87 -11.65 -8.68
CA ASP B 208 -1.09 -10.19 -8.71
C ASP B 208 -1.39 -9.64 -10.11
N LEU B 209 -0.69 -10.14 -11.13
CA LEU B 209 -0.93 -9.68 -12.48
C LEU B 209 -2.36 -10.04 -12.88
N HIS B 210 -2.85 -11.19 -12.43
CA HIS B 210 -4.21 -11.66 -12.74
C HIS B 210 -5.30 -10.79 -12.14
N GLY B 211 -5.15 -10.39 -10.88
CA GLY B 211 -6.16 -9.56 -10.26
C GLY B 211 -5.87 -8.06 -10.25
N CYS B 212 -4.85 -7.61 -10.96
CA CYS B 212 -4.56 -6.18 -10.86
C CYS B 212 -5.67 -5.26 -11.38
N ASP B 213 -6.34 -5.64 -12.48
CA ASP B 213 -7.39 -4.74 -12.99
C ASP B 213 -8.53 -4.57 -12.01
N LYS B 214 -8.94 -5.68 -11.41
CA LYS B 214 -10.00 -5.69 -10.41
C LYS B 214 -9.61 -4.85 -9.18
N ASP B 215 -8.37 -5.02 -8.74
CA ASP B 215 -7.83 -4.29 -7.58
C ASP B 215 -7.69 -2.80 -7.85
N ARG B 216 -7.36 -2.46 -9.10
CA ARG B 216 -7.20 -1.07 -9.51
C ARG B 216 -8.58 -0.38 -9.37
N SER B 217 -9.61 -0.98 -9.97
CA SER B 217 -10.97 -0.42 -9.89
C SER B 217 -11.43 -0.34 -8.42
N ALA B 218 -11.28 -1.45 -7.71
CA ALA B 218 -11.66 -1.58 -6.30
C ALA B 218 -10.87 -0.73 -5.25
N GLY B 219 -9.63 -0.32 -5.58
CA GLY B 219 -8.81 0.47 -4.65
C GLY B 219 -7.96 -0.35 -3.66
N GLU B 220 -7.53 -1.54 -4.09
CA GLU B 220 -6.74 -2.48 -3.30
C GLU B 220 -5.21 -2.35 -3.43
N ALA B 221 -4.54 -1.86 -2.41
CA ALA B 221 -3.09 -1.67 -2.50
C ALA B 221 -2.19 -2.88 -2.14
N ASP B 222 -2.78 -4.04 -1.83
CA ASP B 222 -1.97 -5.20 -1.46
C ASP B 222 -1.82 -6.06 -2.74
N ASN B 223 -1.14 -5.49 -3.72
CA ASN B 223 -0.96 -6.07 -5.05
C ASN B 223 0.23 -5.35 -5.67
N ALA B 224 1.19 -6.12 -6.16
CA ALA B 224 2.39 -5.55 -6.74
C ALA B 224 2.10 -4.48 -7.80
N VAL B 225 1.12 -4.69 -8.65
CA VAL B 225 0.83 -3.68 -9.72
C VAL B 225 0.37 -2.37 -9.11
N ILE B 226 -0.59 -2.43 -8.19
CA ILE B 226 -1.05 -1.17 -7.59
C ILE B 226 0.07 -0.46 -6.82
N LEU B 227 0.82 -1.22 -6.03
CA LEU B 227 1.89 -0.62 -5.23
C LEU B 227 2.87 0.14 -6.12
N LEU B 228 3.35 -0.53 -7.17
CA LEU B 228 4.30 0.08 -8.10
C LEU B 228 3.67 1.27 -8.84
N LEU B 229 2.43 1.11 -9.29
CA LEU B 229 1.77 2.22 -9.95
C LEU B 229 1.66 3.41 -8.97
N GLN B 230 1.34 3.17 -7.68
CA GLN B 230 1.26 4.29 -6.71
C GLN B 230 2.64 4.98 -6.54
N ARG B 231 3.71 4.19 -6.45
CA ARG B 231 5.03 4.81 -6.24
C ARG B 231 5.71 5.36 -7.50
N TYR B 232 5.51 4.71 -8.62
CA TYR B 232 6.16 5.05 -9.86
C TYR B 232 5.17 5.22 -10.98
N PRO B 233 4.34 6.28 -10.89
CA PRO B 233 3.32 6.58 -11.91
C PRO B 233 3.78 6.45 -13.34
N ALA B 234 4.97 6.97 -13.64
CA ALA B 234 5.51 6.90 -15.02
C ALA B 234 6.05 5.53 -15.46
N MET B 235 6.28 4.64 -14.50
CA MET B 235 6.83 3.33 -14.88
C MET B 235 5.83 2.37 -15.56
N PRO B 236 6.28 1.59 -16.57
CA PRO B 236 5.44 0.62 -17.29
C PRO B 236 5.39 -0.63 -16.38
N VAL B 237 4.62 -0.51 -15.32
CA VAL B 237 4.58 -1.53 -14.30
C VAL B 237 4.19 -2.93 -14.75
N VAL B 238 3.15 -3.04 -15.54
CA VAL B 238 2.71 -4.37 -15.94
C VAL B 238 3.72 -5.08 -16.81
N GLU B 239 4.37 -4.30 -17.69
CA GLU B 239 5.41 -4.84 -18.56
C GLU B 239 6.56 -5.35 -17.67
N PHE B 240 6.92 -4.55 -16.68
CA PHE B 240 8.02 -4.86 -15.74
C PHE B 240 7.73 -6.14 -14.96
N LEU B 241 6.53 -6.21 -14.38
CA LEU B 241 6.15 -7.38 -13.60
C LEU B 241 6.06 -8.61 -14.48
N ASN B 242 5.54 -8.46 -15.69
CA ASN B 242 5.51 -9.57 -16.61
C ASN B 242 6.96 -10.02 -16.92
N ASP B 243 7.89 -9.09 -17.12
CA ASP B 243 9.26 -9.50 -17.40
C ASP B 243 9.82 -10.16 -16.16
N GLU B 244 9.44 -9.68 -14.97
CA GLU B 244 9.93 -10.27 -13.71
C GLU B 244 9.45 -11.73 -13.63
N LEU B 245 8.20 -11.95 -14.01
CA LEU B 245 7.61 -13.30 -13.97
C LEU B 245 8.37 -14.23 -14.92
N ALA B 246 8.64 -13.68 -16.11
CA ALA B 246 9.37 -14.41 -17.16
C ALA B 246 10.76 -14.75 -16.62
N GLY B 247 11.40 -13.76 -15.97
CA GLY B 247 12.76 -13.97 -15.42
C GLY B 247 12.83 -15.04 -14.33
N HIS B 248 11.87 -15.03 -13.39
CA HIS B 248 11.87 -16.02 -12.36
C HIS B 248 11.60 -17.42 -13.01
N THR B 249 10.78 -17.45 -14.06
CA THR B 249 10.46 -18.72 -14.68
C THR B 249 11.72 -19.28 -15.37
N ARG B 250 12.48 -18.40 -16.03
CA ARG B 250 13.72 -18.86 -16.66
C ARG B 250 14.67 -19.38 -15.60
N MET B 251 14.80 -18.67 -14.48
CA MET B 251 15.70 -19.14 -13.41
C MET B 251 15.29 -20.53 -12.88
N LEU B 252 14.00 -20.70 -12.66
CA LEU B 252 13.47 -21.97 -12.19
C LEU B 252 13.83 -23.02 -13.27
N HIS B 253 13.68 -22.67 -14.55
CA HIS B 253 14.02 -23.68 -15.54
C HIS B 253 15.49 -24.07 -15.49
N ARG B 254 16.39 -23.12 -15.31
CA ARG B 254 17.80 -23.49 -15.27
C ARG B 254 18.09 -24.40 -14.08
N VAL B 255 17.53 -24.08 -12.92
CA VAL B 255 17.80 -24.89 -11.75
C VAL B 255 17.26 -26.30 -11.94
N MET B 256 16.01 -26.40 -12.40
CA MET B 256 15.38 -27.70 -12.59
C MET B 256 16.21 -28.55 -13.54
N ALA B 257 16.57 -28.00 -14.68
CA ALA B 257 17.35 -28.74 -15.65
C ALA B 257 18.71 -29.19 -15.07
N GLU B 258 19.24 -28.45 -14.11
CA GLU B 258 20.51 -28.77 -13.53
C GLU B 258 20.45 -29.72 -12.34
N GLU B 259 19.40 -29.62 -11.55
CA GLU B 259 19.28 -30.46 -10.37
C GLU B 259 18.35 -31.58 -10.68
N ARG B 260 18.37 -32.62 -9.85
CA ARG B 260 17.45 -33.73 -10.07
C ARG B 260 16.90 -33.93 -8.71
N PHE B 261 15.59 -33.82 -8.58
CA PHE B 261 15.02 -34.00 -7.26
C PHE B 261 14.29 -35.32 -7.25
N PRO B 262 14.38 -36.06 -6.14
CA PRO B 262 13.70 -37.36 -6.07
C PRO B 262 12.21 -37.17 -6.42
N ALA B 263 11.56 -38.24 -6.87
CA ALA B 263 10.12 -38.19 -7.18
C ALA B 263 9.47 -37.91 -5.85
N PRO B 264 8.36 -37.18 -5.85
CA PRO B 264 7.64 -36.57 -6.97
C PRO B 264 7.95 -35.09 -7.07
N TRP B 265 9.01 -34.67 -6.39
CA TRP B 265 9.28 -33.26 -6.32
C TRP B 265 9.38 -32.55 -7.67
N GLY B 266 10.03 -33.19 -8.64
CA GLY B 266 10.16 -32.54 -9.94
C GLY B 266 8.80 -32.19 -10.49
N PRO B 267 7.93 -33.19 -10.57
CA PRO B 267 6.58 -32.87 -11.11
C PRO B 267 5.79 -31.97 -10.14
N LEU B 268 5.98 -32.14 -8.84
CA LEU B 268 5.25 -31.26 -7.92
C LEU B 268 5.67 -29.81 -8.22
N ILE B 269 6.98 -29.57 -8.28
CA ILE B 269 7.46 -28.22 -8.53
C ILE B 269 6.87 -27.65 -9.81
N GLU B 270 6.83 -28.46 -10.88
CA GLU B 270 6.30 -27.98 -12.16
C GLU B 270 4.78 -27.75 -12.18
N ALA B 271 4.01 -28.61 -11.50
CA ALA B 271 2.56 -28.41 -11.39
C ALA B 271 2.28 -27.07 -10.66
N MET B 272 3.05 -26.76 -9.60
CA MET B 272 2.87 -25.48 -8.86
C MET B 272 3.26 -24.32 -9.74
N ALA B 273 4.37 -24.50 -10.46
CA ALA B 273 4.88 -23.48 -11.39
C ALA B 273 3.86 -23.13 -12.43
N ALA B 274 3.04 -24.11 -12.79
CA ALA B 274 2.03 -23.93 -13.83
C ALA B 274 0.67 -23.50 -13.31
N ILE B 275 0.29 -23.98 -12.12
CA ILE B 275 -1.00 -23.60 -11.57
C ILE B 275 -1.13 -22.07 -11.61
N ARG B 276 -2.23 -21.60 -12.17
CA ARG B 276 -2.50 -20.17 -12.24
C ARG B 276 -3.52 -19.96 -11.15
N VAL B 277 -3.82 -18.71 -10.81
CA VAL B 277 -4.86 -18.47 -9.79
C VAL B 277 -6.27 -18.65 -10.45
N GLN B 278 -6.34 -18.44 -11.77
CA GLN B 278 -7.61 -18.60 -12.50
C GLN B 278 -8.05 -20.08 -12.62
N TYR B 279 -7.17 -20.99 -12.20
CA TYR B 279 -7.47 -22.42 -12.25
C TYR B 279 -8.25 -22.93 -11.02
N TYR B 280 -8.38 -22.10 -9.98
CA TYR B 280 -9.12 -22.51 -8.78
C TYR B 280 -9.95 -21.39 -8.11
N ARG B 281 -9.56 -20.14 -8.32
CA ARG B 281 -10.30 -19.03 -7.73
C ARG B 281 -11.65 -18.89 -8.44
N ILE C 2 -9.96 -4.41 29.95
CA ILE C 2 -11.26 -4.43 30.68
C ILE C 2 -12.14 -5.44 29.94
N GLN C 3 -12.82 -6.32 30.68
CA GLN C 3 -13.70 -7.32 30.04
C GLN C 3 -14.95 -6.63 29.52
N THR C 4 -15.62 -7.25 28.58
CA THR C 4 -16.81 -6.66 28.03
C THR C 4 -17.87 -6.26 29.04
N GLU C 5 -18.32 -7.17 29.90
CA GLU C 5 -19.39 -6.78 30.83
C GLU C 5 -19.00 -5.72 31.83
N ARG C 6 -17.77 -5.75 32.34
CA ARG C 6 -17.38 -4.69 33.25
C ARG C 6 -17.41 -3.31 32.50
N ALA C 7 -17.04 -3.31 31.23
CA ALA C 7 -17.08 -2.07 30.43
C ALA C 7 -18.55 -1.58 30.34
N VAL C 8 -19.45 -2.51 30.01
CA VAL C 8 -20.87 -2.17 29.93
C VAL C 8 -21.37 -1.57 31.21
N GLN C 9 -20.95 -2.17 32.34
CA GLN C 9 -21.39 -1.67 33.66
C GLN C 9 -20.84 -0.24 33.97
N GLN C 10 -19.59 -0.02 33.58
CA GLN C 10 -18.94 1.29 33.76
C GLN C 10 -19.68 2.33 32.88
N VAL C 11 -20.09 1.93 31.70
CA VAL C 11 -20.85 2.88 30.90
C VAL C 11 -22.23 3.07 31.56
N LEU C 12 -22.86 1.97 31.96
CA LEU C 12 -24.18 1.99 32.56
C LEU C 12 -24.26 2.83 33.85
N GLU C 13 -23.23 2.73 34.70
CA GLU C 13 -23.17 3.50 35.98
C GLU C 13 -23.30 5.01 35.65
N TRP C 14 -22.63 5.44 34.59
CA TRP C 14 -22.73 6.86 34.18
C TRP C 14 -24.05 7.14 33.45
N GLY C 15 -24.45 6.23 32.58
CA GLY C 15 -25.66 6.43 31.83
C GLY C 15 -26.91 6.60 32.67
N ARG C 16 -26.91 5.99 33.85
CA ARG C 16 -28.06 6.10 34.69
C ARG C 16 -28.24 7.50 35.23
N SER C 17 -27.29 8.44 34.96
CA SER C 17 -27.44 9.84 35.36
C SER C 17 -28.04 10.66 34.21
N LEU C 18 -28.68 9.97 33.27
CA LEU C 18 -29.32 10.63 32.13
C LEU C 18 -30.75 10.12 31.99
N THR C 19 -31.73 11.01 31.96
CA THR C 19 -33.11 10.59 31.81
C THR C 19 -33.32 9.85 30.48
N GLY C 20 -34.07 8.75 30.48
CA GLY C 20 -34.30 8.02 29.25
C GLY C 20 -33.17 7.10 28.79
N PHE C 21 -32.07 6.97 29.56
CA PHE C 21 -30.96 6.10 29.15
C PHE C 21 -31.38 4.60 29.32
N ALA C 22 -31.13 3.77 28.33
CA ALA C 22 -31.53 2.37 28.39
C ALA C 22 -30.31 1.46 28.51
N ASP C 23 -30.50 0.34 29.19
CA ASP C 23 -29.42 -0.62 29.30
C ASP C 23 -28.89 -0.90 27.89
N GLU C 24 -29.75 -0.96 26.86
CA GLU C 24 -29.28 -1.26 25.52
C GLU C 24 -28.26 -0.24 24.94
N HIS C 25 -28.39 1.02 25.33
CA HIS C 25 -27.48 2.09 24.90
C HIS C 25 -26.05 1.70 25.36
N ALA C 26 -25.89 1.21 26.61
CA ALA C 26 -24.57 0.85 27.07
C ALA C 26 -24.03 -0.35 26.34
N VAL C 27 -24.92 -1.32 26.12
CA VAL C 27 -24.49 -2.52 25.45
C VAL C 27 -24.04 -2.27 23.99
N GLU C 28 -24.80 -1.49 23.22
CA GLU C 28 -24.43 -1.22 21.83
C GLU C 28 -23.16 -0.37 21.80
N ALA C 29 -23.00 0.57 22.74
CA ALA C 29 -21.80 1.43 22.85
C ALA C 29 -20.54 0.58 23.00
N VAL C 30 -20.61 -0.40 23.90
CA VAL C 30 -19.46 -1.26 24.10
C VAL C 30 -19.30 -2.21 22.92
N ARG C 31 -20.36 -2.70 22.33
CA ARG C 31 -20.13 -3.61 21.18
C ARG C 31 -19.41 -2.86 20.05
N GLY C 32 -19.95 -1.69 19.73
CA GLY C 32 -19.42 -0.85 18.66
C GLY C 32 -18.02 -0.42 18.96
N GLY C 33 -17.80 0.11 20.18
CA GLY C 33 -16.48 0.58 20.60
C GLY C 33 -15.43 -0.50 20.56
N GLN C 34 -15.77 -1.67 21.13
CA GLN C 34 -14.80 -2.76 21.09
C GLN C 34 -14.42 -3.13 19.69
N TYR C 35 -15.39 -3.18 18.79
CA TYR C 35 -15.08 -3.54 17.41
C TYR C 35 -13.97 -2.64 16.85
N ILE C 36 -14.12 -1.36 17.15
CA ILE C 36 -13.20 -0.34 16.66
C ILE C 36 -11.88 -0.45 17.37
N LEU C 37 -11.91 -0.50 18.70
CA LEU C 37 -10.64 -0.54 19.44
C LEU C 37 -9.78 -1.76 19.11
N GLN C 38 -10.44 -2.91 18.92
CA GLN C 38 -9.69 -4.13 18.59
C GLN C 38 -9.04 -4.02 17.24
N ARG C 39 -9.68 -3.38 16.28
CA ARG C 39 -9.05 -3.26 14.99
C ARG C 39 -7.90 -2.23 14.94
N ILE C 40 -7.92 -1.23 15.79
CA ILE C 40 -6.80 -0.29 15.74
C ILE C 40 -5.73 -0.58 16.80
N HIS C 41 -5.96 -1.62 17.63
CA HIS C 41 -5.00 -1.96 18.69
C HIS C 41 -3.59 -2.10 18.13
N PRO C 42 -3.36 -3.03 17.19
CA PRO C 42 -1.99 -3.17 16.66
C PRO C 42 -1.41 -1.79 16.34
N SER C 43 -2.12 -1.05 15.51
CA SER C 43 -1.70 0.27 15.08
C SER C 43 -1.42 1.25 16.23
N LEU C 44 -2.30 1.33 17.22
CA LEU C 44 -2.12 2.26 18.33
C LEU C 44 -0.80 2.01 19.02
N ARG C 45 -0.59 0.74 19.42
CA ARG C 45 0.63 0.24 20.04
C ARG C 45 1.85 1.02 19.57
N GLY C 46 1.98 1.20 18.27
CA GLY C 46 3.11 1.97 17.78
C GLY C 46 3.16 3.44 18.24
N THR C 47 2.01 4.10 18.38
CA THR C 47 1.94 5.50 18.76
C THR C 47 1.97 5.79 20.26
N SER C 48 1.71 4.80 21.09
CA SER C 48 1.68 5.05 22.52
C SER C 48 2.98 5.48 23.16
N ALA C 49 4.10 5.19 22.48
CA ALA C 49 5.40 5.56 23.02
C ALA C 49 5.47 7.07 22.92
N ARG C 50 5.10 7.58 21.75
CA ARG C 50 5.11 9.04 21.53
C ARG C 50 4.10 9.81 22.36
N THR C 51 2.87 9.32 22.41
CA THR C 51 1.82 10.02 23.12
C THR C 51 1.69 9.79 24.62
N GLY C 52 2.12 8.64 25.13
CA GLY C 52 1.90 8.34 26.55
C GLY C 52 0.47 7.77 26.74
N ARG C 53 -0.26 7.56 25.64
CA ARG C 53 -1.63 7.09 25.80
C ARG C 53 -1.62 5.60 25.49
N ASP C 54 -1.93 4.81 26.50
CA ASP C 54 -1.94 3.36 26.41
C ASP C 54 -3.28 2.80 25.80
N PRO C 55 -3.20 1.90 24.81
CA PRO C 55 -4.39 1.30 24.19
C PRO C 55 -5.31 0.63 25.24
N GLN C 56 -4.72 0.13 26.33
CA GLN C 56 -5.48 -0.57 27.37
C GLN C 56 -5.87 0.26 28.59
N ASP C 57 -5.61 1.56 28.53
CA ASP C 57 -5.97 2.47 29.63
C ASP C 57 -7.50 2.47 29.79
N GLU C 58 -8.00 1.95 30.90
CA GLU C 58 -9.41 1.86 31.13
C GLU C 58 -10.12 3.20 31.21
N THR C 59 -9.47 4.22 31.71
CA THR C 59 -10.08 5.53 31.78
C THR C 59 -10.39 6.02 30.35
N LEU C 60 -9.48 5.77 29.44
CA LEU C 60 -9.64 6.22 28.06
C LEU C 60 -10.70 5.38 27.36
N ILE C 61 -10.58 4.07 27.52
CA ILE C 61 -11.54 3.15 26.92
C ILE C 61 -12.97 3.41 27.35
N VAL C 62 -13.20 3.56 28.66
CA VAL C 62 -14.53 3.77 29.14
C VAL C 62 -15.10 5.14 28.74
N THR C 63 -14.25 6.16 28.69
CA THR C 63 -14.73 7.49 28.30
C THR C 63 -15.19 7.40 26.82
N PHE C 64 -14.39 6.69 26.01
CA PHE C 64 -14.73 6.47 24.62
C PHE C 64 -16.13 5.82 24.52
N TYR C 65 -16.34 4.71 25.24
CA TYR C 65 -17.63 4.01 25.20
C TYR C 65 -18.76 4.90 25.73
N ARG C 66 -18.50 5.71 26.74
CA ARG C 66 -19.54 6.58 27.27
C ARG C 66 -19.92 7.61 26.20
N GLU C 67 -18.95 8.10 25.45
CA GLU C 67 -19.31 9.04 24.37
C GLU C 67 -20.13 8.30 23.31
N LEU C 68 -19.78 7.07 22.97
CA LEU C 68 -20.60 6.34 21.99
C LEU C 68 -22.01 6.14 22.56
N ALA C 69 -22.12 5.84 23.88
CA ALA C 69 -23.44 5.57 24.46
C ALA C 69 -24.29 6.84 24.42
N LEU C 70 -23.62 7.97 24.68
CA LEU C 70 -24.27 9.26 24.63
C LEU C 70 -24.89 9.52 23.21
N LEU C 71 -24.17 9.18 22.15
CA LEU C 71 -24.67 9.44 20.79
C LEU C 71 -25.91 8.52 20.51
N PHE C 72 -25.85 7.24 20.91
CA PHE C 72 -27.01 6.36 20.73
C PHE C 72 -28.20 6.93 21.52
N TRP C 73 -27.93 7.36 22.75
CA TRP C 73 -29.01 7.88 23.60
C TRP C 73 -29.60 9.11 22.98
N LEU C 74 -28.76 10.04 22.53
CA LEU C 74 -29.25 11.27 21.89
C LEU C 74 -30.14 10.99 20.68
N ASP C 75 -29.78 9.96 19.96
CA ASP C 75 -30.54 9.60 18.79
C ASP C 75 -31.98 9.19 19.25
N ASP C 76 -32.08 8.33 20.27
CA ASP C 76 -33.35 7.89 20.76
C ASP C 76 -34.18 9.05 21.27
N CYS C 77 -33.52 9.99 21.95
CA CYS C 77 -34.20 11.18 22.47
C CYS C 77 -34.94 11.98 21.39
N ASN C 78 -34.39 12.02 20.18
CA ASN C 78 -35.08 12.73 19.12
C ASN C 78 -36.06 11.67 18.63
N ASP C 79 -35.51 10.65 17.95
CA ASP C 79 -36.26 9.54 17.33
C ASP C 79 -37.38 8.87 18.09
N LEU C 80 -37.15 8.51 19.35
CA LEU C 80 -38.19 7.88 20.14
C LEU C 80 -38.88 8.90 21.05
N GLY C 81 -38.54 10.17 20.89
CA GLY C 81 -39.14 11.21 21.73
C GLY C 81 -39.04 11.00 23.25
N LEU C 82 -37.95 10.37 23.72
CA LEU C 82 -37.67 10.06 25.16
C LEU C 82 -37.70 11.20 26.17
N ILE C 83 -37.48 12.43 25.71
CA ILE C 83 -37.52 13.59 26.60
C ILE C 83 -38.23 14.69 25.83
N SER C 84 -38.55 15.80 26.47
CA SER C 84 -39.25 16.90 25.82
C SER C 84 -38.37 17.77 24.98
N PRO C 85 -38.97 18.60 24.08
CA PRO C 85 -38.17 19.48 23.23
C PRO C 85 -37.48 20.57 24.09
N GLU C 86 -38.03 20.82 25.26
CA GLU C 86 -37.46 21.81 26.17
C GLU C 86 -36.18 21.22 26.81
N GLN C 87 -36.31 19.95 27.17
CA GLN C 87 -35.25 19.15 27.73
C GLN C 87 -34.18 18.87 26.67
N LEU C 88 -34.62 18.61 25.44
CA LEU C 88 -33.66 18.34 24.36
C LEU C 88 -32.77 19.57 24.12
N ALA C 89 -33.36 20.75 24.19
CA ALA C 89 -32.60 21.97 23.93
C ALA C 89 -31.56 22.20 25.03
N ALA C 90 -31.92 21.93 26.28
CA ALA C 90 -31.00 22.06 27.40
C ALA C 90 -29.86 20.99 27.28
N VAL C 91 -30.22 19.78 26.93
CA VAL C 91 -29.20 18.72 26.74
C VAL C 91 -28.30 19.11 25.55
N GLU C 92 -28.86 19.65 24.47
CA GLU C 92 -27.99 20.02 23.36
C GLU C 92 -27.03 21.13 23.75
N GLN C 93 -27.49 22.05 24.58
CA GLN C 93 -26.66 23.14 25.03
C GLN C 93 -25.53 22.60 25.94
N ALA C 94 -25.90 21.74 26.87
CA ALA C 94 -24.91 21.16 27.75
C ALA C 94 -23.85 20.41 26.92
N LEU C 95 -24.28 19.63 25.95
CA LEU C 95 -23.31 18.83 25.20
C LEU C 95 -22.53 19.58 24.12
N GLY C 96 -23.23 20.57 23.56
CA GLY C 96 -22.70 21.35 22.45
C GLY C 96 -21.85 22.51 22.98
N GLN C 97 -21.99 22.88 24.24
CA GLN C 97 -21.15 23.98 24.76
C GLN C 97 -20.23 23.51 25.87
N GLY C 98 -20.46 22.31 26.40
CA GLY C 98 -19.67 21.81 27.52
C GLY C 98 -19.97 22.49 28.85
N VAL C 99 -21.26 22.66 29.15
CA VAL C 99 -21.66 23.32 30.38
C VAL C 99 -22.68 22.50 31.14
N PRO C 100 -22.85 22.79 32.45
CA PRO C 100 -23.86 22.00 33.21
C PRO C 100 -25.29 22.22 32.62
N CYS C 101 -26.04 21.12 32.38
CA CYS C 101 -27.39 21.18 31.83
C CYS C 101 -28.32 22.12 32.67
N ALA C 102 -29.04 23.01 31.99
CA ALA C 102 -29.96 23.95 32.68
C ALA C 102 -31.19 23.23 33.35
N LEU C 103 -31.59 22.05 32.84
CA LEU C 103 -32.74 21.33 33.42
C LEU C 103 -32.32 20.04 34.12
N PRO C 104 -33.10 19.60 35.14
CA PRO C 104 -32.75 18.38 35.87
C PRO C 104 -32.90 17.06 35.10
N GLY C 105 -32.15 16.06 35.52
CA GLY C 105 -32.25 14.76 34.88
C GLY C 105 -31.18 14.46 33.84
N PHE C 106 -30.20 15.35 33.72
CA PHE C 106 -29.20 15.14 32.71
C PHE C 106 -27.77 15.41 33.18
N GLU C 107 -27.51 15.20 34.48
CA GLU C 107 -26.20 15.45 35.06
C GLU C 107 -25.04 14.79 34.28
N GLY C 108 -25.29 13.62 33.73
CA GLY C 108 -24.30 12.90 32.98
C GLY C 108 -23.69 13.71 31.84
N CYS C 109 -24.42 14.68 31.26
CA CYS C 109 -23.85 15.42 30.17
C CYS C 109 -22.58 16.18 30.56
N ALA C 110 -22.69 17.01 31.58
CA ALA C 110 -21.56 17.83 32.00
C ALA C 110 -20.44 16.98 32.55
N VAL C 111 -20.78 15.91 33.24
CA VAL C 111 -19.77 15.06 33.78
C VAL C 111 -18.91 14.44 32.64
N LEU C 112 -19.57 13.95 31.56
CA LEU C 112 -18.80 13.34 30.45
C LEU C 112 -17.98 14.46 29.73
N ARG C 113 -18.64 15.57 29.45
CA ARG C 113 -17.94 16.65 28.75
C ARG C 113 -16.74 17.13 29.59
N ALA C 114 -16.90 17.29 30.92
CA ALA C 114 -15.75 17.70 31.76
C ALA C 114 -14.59 16.70 31.70
N SER C 115 -14.88 15.39 31.74
CA SER C 115 -13.79 14.38 31.65
C SER C 115 -13.07 14.48 30.30
N LEU C 116 -13.84 14.65 29.21
CA LEU C 116 -13.19 14.75 27.91
C LEU C 116 -12.25 15.97 27.88
N ALA C 117 -12.70 17.13 28.38
CA ALA C 117 -11.86 18.33 28.35
C ALA C 117 -10.56 18.02 29.12
N THR C 118 -10.73 17.41 30.29
CA THR C 118 -9.60 17.07 31.12
C THR C 118 -8.64 16.10 30.45
N LEU C 119 -9.18 15.07 29.81
CA LEU C 119 -8.34 14.04 29.17
C LEU C 119 -7.81 14.34 27.79
N ALA C 120 -8.34 15.36 27.13
CA ALA C 120 -7.86 15.66 25.77
C ALA C 120 -6.35 15.77 25.68
N TYR C 121 -5.79 15.08 24.72
CA TYR C 121 -4.35 15.11 24.48
C TYR C 121 -4.03 16.44 23.79
N ASP C 122 -4.82 16.76 22.77
CA ASP C 122 -4.72 18.05 22.04
C ASP C 122 -6.06 18.70 22.29
N ARG C 123 -6.09 19.80 23.04
CA ARG C 123 -7.39 20.37 23.36
C ARG C 123 -8.19 20.87 22.12
N ARG C 124 -7.53 21.05 20.97
CA ARG C 124 -8.36 21.45 19.80
C ARG C 124 -9.38 20.32 19.52
N ASP C 125 -9.09 19.07 19.90
CA ASP C 125 -10.05 18.01 19.58
C ASP C 125 -11.30 18.14 20.49
N TYR C 126 -11.16 18.81 21.62
CA TYR C 126 -12.29 18.94 22.51
C TYR C 126 -13.23 19.95 21.89
N ALA C 127 -12.71 21.09 21.47
CA ALA C 127 -13.58 22.07 20.84
C ALA C 127 -14.24 21.44 19.58
N GLN C 128 -13.47 20.63 18.86
CA GLN C 128 -14.01 20.05 17.63
C GLN C 128 -15.14 19.09 18.01
N LEU C 129 -14.96 18.34 19.09
CA LEU C 129 -15.96 17.37 19.49
C LEU C 129 -17.25 18.17 19.79
N LEU C 130 -17.13 19.35 20.43
CA LEU C 130 -18.31 20.18 20.75
C LEU C 130 -18.97 20.60 19.44
N ASP C 131 -18.15 21.01 18.47
CA ASP C 131 -18.65 21.42 17.15
C ASP C 131 -19.40 20.22 16.50
N ASP C 132 -18.81 19.01 16.53
CA ASP C 132 -19.43 17.81 15.92
C ASP C 132 -20.72 17.40 16.64
N THR C 133 -20.77 17.63 17.93
CA THR C 133 -21.98 17.33 18.74
C THR C 133 -23.12 18.27 18.30
N ARG C 134 -22.81 19.53 18.08
CA ARG C 134 -23.88 20.46 17.64
C ARG C 134 -24.34 20.10 16.24
N CYS C 135 -23.38 19.68 15.40
CA CYS C 135 -23.75 19.34 14.04
C CYS C 135 -24.57 18.02 14.10
N TYR C 136 -24.16 17.08 14.95
CA TYR C 136 -24.87 15.79 15.06
C TYR C 136 -26.30 16.07 15.55
N SER C 137 -26.40 16.93 16.57
CA SER C 137 -27.69 17.29 17.18
C SER C 137 -28.68 17.89 16.19
N ALA C 138 -28.17 18.85 15.42
CA ALA C 138 -28.98 19.51 14.42
C ALA C 138 -29.39 18.52 13.36
N ALA C 139 -28.52 17.59 12.96
CA ALA C 139 -28.90 16.63 11.91
C ALA C 139 -29.98 15.65 12.37
N LEU C 140 -29.89 15.25 13.64
CA LEU C 140 -30.85 14.33 14.21
C LEU C 140 -32.20 15.07 14.18
N ARG C 141 -32.24 16.33 14.60
CA ARG C 141 -33.49 17.06 14.60
C ARG C 141 -34.07 17.18 13.23
N ALA C 142 -33.26 17.58 12.26
CA ALA C 142 -33.77 17.74 10.89
C ALA C 142 -34.22 16.42 10.28
N GLY C 143 -33.45 15.36 10.53
CA GLY C 143 -33.77 14.05 10.00
C GLY C 143 -35.09 13.53 10.57
N HIS C 144 -35.22 13.59 11.90
CA HIS C 144 -36.44 13.16 12.52
C HIS C 144 -37.64 14.02 12.03
N ALA C 145 -37.46 15.33 11.93
CA ALA C 145 -38.57 16.15 11.52
C ALA C 145 -38.97 15.76 10.11
N GLN C 146 -37.98 15.55 9.23
CA GLN C 146 -38.24 15.17 7.84
C GLN C 146 -39.05 13.89 7.65
N ALA C 147 -38.83 12.91 8.53
CA ALA C 147 -39.53 11.64 8.46
C ALA C 147 -41.03 11.83 8.63
N VAL C 148 -41.42 12.98 9.14
CA VAL C 148 -42.82 13.30 9.39
C VAL C 148 -43.30 14.58 8.71
N ALA C 149 -42.43 15.19 7.92
CA ALA C 149 -42.76 16.41 7.24
C ALA C 149 -43.67 16.14 6.05
N ALA C 150 -44.53 17.09 5.73
CA ALA C 150 -45.42 16.93 4.57
C ALA C 150 -44.58 16.90 3.27
N GLU C 151 -43.59 17.79 3.22
CA GLU C 151 -42.67 18.00 2.09
C GLU C 151 -41.32 17.25 2.21
N ARG C 152 -41.24 16.02 1.67
CA ARG C 152 -40.03 15.18 1.71
C ARG C 152 -38.84 15.75 0.94
N TRP C 153 -37.64 15.67 1.52
CA TRP C 153 -36.52 16.26 0.77
C TRP C 153 -35.90 15.36 -0.26
N SER C 154 -34.95 15.89 -1.01
CA SER C 154 -34.33 15.09 -2.03
C SER C 154 -33.37 14.06 -1.45
N TYR C 155 -32.96 13.13 -2.30
CA TYR C 155 -32.01 12.13 -1.89
C TYR C 155 -30.73 12.87 -1.49
N ALA C 156 -30.34 13.88 -2.25
CA ALA C 156 -29.13 14.62 -1.95
C ALA C 156 -29.20 15.26 -0.56
N GLU C 157 -30.31 15.91 -0.24
CA GLU C 157 -30.45 16.55 1.08
C GLU C 157 -30.40 15.50 2.20
N TYR C 158 -31.03 14.37 1.97
CA TYR C 158 -31.07 13.31 2.96
C TYR C 158 -29.67 12.77 3.24
N LEU C 159 -28.91 12.55 2.17
CA LEU C 159 -27.57 11.98 2.32
C LEU C 159 -26.64 13.01 2.94
N HIS C 160 -26.79 14.28 2.57
CA HIS C 160 -25.93 15.29 3.19
C HIS C 160 -26.23 15.36 4.70
N ASN C 161 -27.48 15.25 5.05
CA ASN C 161 -27.84 15.29 6.48
C ASN C 161 -27.38 14.01 7.15
N GLY C 162 -27.53 12.92 6.40
CA GLY C 162 -27.22 11.57 6.90
C GLY C 162 -25.77 11.37 7.28
N ILE C 163 -24.89 12.08 6.53
CA ILE C 163 -23.46 12.10 6.73
C ILE C 163 -23.18 12.70 8.14
N ASP C 164 -23.98 13.67 8.57
CA ASP C 164 -23.78 14.25 9.91
C ASP C 164 -24.49 13.41 11.01
N SER C 165 -25.64 12.86 10.71
CA SER C 165 -26.37 12.12 11.72
C SER C 165 -25.75 10.73 11.97
N ILE C 166 -24.87 10.21 11.08
CA ILE C 166 -24.26 8.88 11.37
C ILE C 166 -23.16 9.01 12.46
N ALA C 167 -22.71 10.22 12.71
CA ALA C 167 -21.72 10.61 13.74
C ALA C 167 -20.35 9.98 13.72
N TYR C 168 -19.92 9.51 12.55
CA TYR C 168 -18.55 8.99 12.45
C TYR C 168 -17.54 10.13 12.70
N ALA C 169 -17.88 11.39 12.36
CA ALA C 169 -16.92 12.49 12.62
C ALA C 169 -16.63 12.53 14.13
N ASN C 170 -17.71 12.42 14.93
CA ASN C 170 -17.66 12.45 16.37
C ASN C 170 -16.79 11.31 16.91
N VAL C 171 -17.00 10.11 16.36
CA VAL C 171 -16.24 8.91 16.77
C VAL C 171 -14.71 9.17 16.56
N PHE C 172 -14.32 9.57 15.34
CA PHE C 172 -12.93 9.87 15.08
C PHE C 172 -12.39 10.98 16.00
N CYS C 173 -13.14 12.05 16.17
CA CYS C 173 -12.68 13.11 17.01
C CYS C 173 -12.42 12.58 18.46
N CYS C 174 -13.40 11.87 19.00
CA CYS C 174 -13.31 11.33 20.36
C CYS C 174 -12.02 10.41 20.48
N LEU C 175 -11.81 9.56 19.49
CA LEU C 175 -10.61 8.71 19.50
C LEU C 175 -9.33 9.57 19.45
N SER C 176 -9.31 10.57 18.56
CA SER C 176 -8.14 11.44 18.50
C SER C 176 -7.90 12.14 19.83
N LEU C 177 -9.00 12.58 20.45
CA LEU C 177 -8.96 13.26 21.72
C LEU C 177 -8.30 12.40 22.83
N LEU C 178 -8.75 11.16 22.96
CA LEU C 178 -8.26 10.28 24.02
C LEU C 178 -6.87 9.66 23.79
N TRP C 179 -6.56 9.25 22.54
CA TRP C 179 -5.27 8.66 22.23
C TRP C 179 -4.17 9.54 21.52
N GLY C 180 -4.48 10.85 21.30
CA GLY C 180 -3.52 11.80 20.71
C GLY C 180 -3.26 11.52 19.27
N LEU C 181 -4.34 11.34 18.56
CA LEU C 181 -4.19 10.95 17.15
C LEU C 181 -3.97 12.13 16.16
N ASP C 182 -3.89 13.37 16.70
CA ASP C 182 -3.61 14.59 15.89
C ASP C 182 -4.61 14.86 14.77
N MET C 183 -5.88 14.49 14.98
CA MET C 183 -6.87 14.69 13.94
C MET C 183 -7.01 16.24 13.56
N ALA C 184 -6.83 17.13 14.53
CA ALA C 184 -7.00 18.57 14.22
C ALA C 184 -5.96 18.99 13.16
N THR C 185 -4.80 18.35 13.17
CA THR C 185 -3.79 18.62 12.11
C THR C 185 -4.11 17.93 10.76
N LEU C 186 -4.38 16.63 10.86
CA LEU C 186 -4.69 15.80 9.72
C LEU C 186 -5.88 16.35 8.88
N ARG C 187 -6.87 16.92 9.53
CA ARG C 187 -7.98 17.37 8.75
C ARG C 187 -7.70 18.64 7.89
N ALA C 188 -6.44 19.10 7.87
CA ALA C 188 -6.10 20.20 6.98
C ALA C 188 -5.81 19.58 5.59
N ARG C 189 -5.75 18.25 5.52
CA ARG C 189 -5.51 17.57 4.24
C ARG C 189 -6.83 17.31 3.53
N PRO C 190 -6.99 17.80 2.30
CA PRO C 190 -8.27 17.58 1.56
C PRO C 190 -8.63 16.10 1.39
N ALA C 191 -7.62 15.23 1.20
CA ALA C 191 -7.90 13.81 1.04
C ALA C 191 -8.50 13.23 2.32
N PHE C 192 -8.04 13.74 3.46
CA PHE C 192 -8.57 13.25 4.76
C PHE C 192 -10.04 13.67 4.95
N ARG C 193 -10.34 14.92 4.60
CA ARG C 193 -11.71 15.41 4.71
C ARG C 193 -12.59 14.62 3.76
N GLN C 194 -12.08 14.28 2.60
CA GLN C 194 -12.86 13.53 1.62
C GLN C 194 -13.16 12.08 2.15
N VAL C 195 -12.18 11.46 2.75
CA VAL C 195 -12.35 10.11 3.28
C VAL C 195 -13.39 10.14 4.37
N LEU C 196 -13.36 11.21 5.17
CA LEU C 196 -14.30 11.34 6.26
C LEU C 196 -15.73 11.32 5.72
N ARG C 197 -15.99 12.12 4.68
CA ARG C 197 -17.32 12.16 4.05
C ARG C 197 -17.72 10.83 3.45
N LEU C 198 -16.78 10.15 2.78
CA LEU C 198 -17.09 8.86 2.14
C LEU C 198 -17.46 7.79 3.16
N ILE C 199 -16.68 7.73 4.24
CA ILE C 199 -16.86 6.72 5.33
C ILE C 199 -18.21 6.98 6.05
N SER C 200 -18.57 8.25 6.17
CA SER C 200 -19.86 8.57 6.80
C SER C 200 -21.03 8.17 5.91
N ALA C 201 -20.90 8.45 4.61
CA ALA C 201 -21.93 8.11 3.66
C ALA C 201 -22.09 6.60 3.68
N ILE C 202 -20.99 5.84 3.62
CA ILE C 202 -21.06 4.40 3.69
C ILE C 202 -21.81 3.92 4.94
N GLY C 203 -21.47 4.48 6.10
CA GLY C 203 -22.16 4.06 7.32
C GLY C 203 -23.66 4.36 7.26
N ARG C 204 -24.02 5.54 6.75
CA ARG C 204 -25.42 5.95 6.64
C ARG C 204 -26.18 5.02 5.71
N LEU C 205 -25.61 4.73 4.55
CA LEU C 205 -26.22 3.83 3.58
C LEU C 205 -26.33 2.39 4.10
N GLN C 206 -25.27 1.86 4.69
CA GLN C 206 -25.35 0.50 5.20
C GLN C 206 -26.37 0.42 6.35
N ASN C 207 -26.41 1.44 7.19
CA ASN C 207 -27.35 1.43 8.31
C ASN C 207 -28.77 1.41 7.72
N ASP C 208 -29.06 2.32 6.80
CA ASP C 208 -30.38 2.41 6.21
C ASP C 208 -30.81 1.16 5.47
N LEU C 209 -29.89 0.53 4.73
CA LEU C 209 -30.22 -0.67 3.98
C LEU C 209 -30.54 -1.82 4.91
N HIS C 210 -29.81 -1.91 6.01
CA HIS C 210 -30.01 -2.95 6.98
C HIS C 210 -31.35 -2.83 7.69
N GLY C 211 -31.78 -1.59 7.94
CA GLY C 211 -33.03 -1.36 8.63
C GLY C 211 -34.27 -1.01 7.82
N CYS C 212 -34.25 -1.21 6.49
CA CYS C 212 -35.43 -0.88 5.71
C CYS C 212 -36.49 -1.99 5.79
N ALA C 221 -40.06 8.10 6.58
CA ALA C 221 -39.11 8.50 5.46
C ALA C 221 -37.75 8.79 6.08
N ASP C 222 -37.62 8.42 7.35
CA ASP C 222 -36.39 8.63 8.15
C ASP C 222 -35.23 7.71 7.74
N ASN C 223 -35.29 7.20 6.51
CA ASN C 223 -34.37 6.19 6.03
C ASN C 223 -34.37 6.33 4.51
N ALA C 224 -33.20 6.17 3.87
CA ALA C 224 -33.12 6.36 2.41
C ALA C 224 -33.99 5.44 1.57
N VAL C 225 -34.21 4.21 2.03
CA VAL C 225 -35.01 3.26 1.26
C VAL C 225 -36.45 3.79 1.27
N ILE C 226 -36.95 4.10 2.46
CA ILE C 226 -38.31 4.60 2.59
C ILE C 226 -38.49 5.88 1.83
N LEU C 227 -37.57 6.84 2.00
CA LEU C 227 -37.66 8.12 1.29
C LEU C 227 -37.72 7.90 -0.23
N LEU C 228 -36.84 7.08 -0.78
CA LEU C 228 -36.88 6.94 -2.24
C LEU C 228 -38.15 6.23 -2.71
N LEU C 229 -38.66 5.30 -1.93
CA LEU C 229 -39.91 4.60 -2.31
C LEU C 229 -41.04 5.57 -2.33
N GLN C 230 -41.06 6.46 -1.35
CA GLN C 230 -42.14 7.44 -1.31
C GLN C 230 -42.07 8.40 -2.48
N ARG C 231 -40.88 8.78 -2.92
CA ARG C 231 -40.79 9.74 -4.02
C ARG C 231 -40.78 9.09 -5.37
N TYR C 232 -40.27 7.86 -5.46
CA TYR C 232 -40.20 7.19 -6.75
C TYR C 232 -40.72 5.76 -6.63
N PRO C 233 -42.01 5.62 -6.31
CA PRO C 233 -42.60 4.29 -6.17
C PRO C 233 -42.09 3.26 -7.17
N ALA C 234 -42.02 3.64 -8.44
CA ALA C 234 -41.58 2.74 -9.51
C ALA C 234 -40.13 2.29 -9.58
N MET C 235 -39.22 3.03 -8.96
CA MET C 235 -37.83 2.63 -9.05
C MET C 235 -37.38 1.54 -8.13
N PRO C 236 -36.35 0.81 -8.55
CA PRO C 236 -35.74 -0.29 -7.79
C PRO C 236 -34.82 0.43 -6.82
N VAL C 237 -35.39 0.79 -5.69
CA VAL C 237 -34.71 1.56 -4.64
C VAL C 237 -33.58 0.80 -3.99
N VAL C 238 -33.88 -0.40 -3.52
CA VAL C 238 -32.86 -1.18 -2.89
C VAL C 238 -31.69 -1.47 -3.82
N GLU C 239 -31.96 -1.82 -5.05
CA GLU C 239 -30.84 -2.09 -5.93
C GLU C 239 -30.03 -0.78 -6.12
N PHE C 240 -30.70 0.34 -6.41
CA PHE C 240 -30.01 1.61 -6.60
C PHE C 240 -29.13 1.95 -5.37
N LEU C 241 -29.70 1.86 -4.16
CA LEU C 241 -28.96 2.16 -2.94
C LEU C 241 -27.81 1.18 -2.71
N ASN C 242 -27.99 -0.08 -3.08
CA ASN C 242 -26.90 -1.04 -2.95
C ASN C 242 -25.76 -0.54 -3.86
N ASP C 243 -26.12 0.03 -5.02
CA ASP C 243 -25.13 0.52 -5.98
C ASP C 243 -24.43 1.77 -5.39
N GLU C 244 -25.21 2.62 -4.75
CA GLU C 244 -24.70 3.84 -4.09
C GLU C 244 -23.71 3.42 -3.02
N LEU C 245 -24.09 2.41 -2.21
CA LEU C 245 -23.18 1.95 -1.19
C LEU C 245 -21.91 1.37 -1.82
N ALA C 246 -22.04 0.48 -2.78
CA ALA C 246 -20.84 -0.09 -3.33
C ALA C 246 -19.95 1.03 -3.96
N GLY C 247 -20.60 2.02 -4.54
CA GLY C 247 -19.87 3.10 -5.20
C GLY C 247 -19.08 3.96 -4.23
N HIS C 248 -19.67 4.28 -3.06
CA HIS C 248 -18.95 5.06 -2.05
C HIS C 248 -17.81 4.19 -1.55
N THR C 249 -18.03 2.89 -1.44
CA THR C 249 -16.95 2.02 -0.97
C THR C 249 -15.79 1.98 -1.98
N ARG C 250 -16.10 1.91 -3.29
CA ARG C 250 -14.99 1.92 -4.26
C ARG C 250 -14.26 3.27 -4.20
N MET C 251 -15.04 4.35 -4.06
CA MET C 251 -14.43 5.68 -3.97
C MET C 251 -13.47 5.78 -2.80
N LEU C 252 -13.91 5.28 -1.65
CA LEU C 252 -13.10 5.28 -0.48
C LEU C 252 -11.77 4.55 -0.73
N HIS C 253 -11.82 3.33 -1.27
CA HIS C 253 -10.59 2.57 -1.49
C HIS C 253 -9.69 3.20 -2.52
N ARG C 254 -10.25 3.88 -3.50
CA ARG C 254 -9.40 4.55 -4.45
C ARG C 254 -8.64 5.67 -3.72
N VAL C 255 -9.36 6.54 -2.98
CA VAL C 255 -8.69 7.60 -2.23
C VAL C 255 -7.60 6.98 -1.36
N MET C 256 -7.94 5.89 -0.65
CA MET C 256 -6.98 5.20 0.26
C MET C 256 -5.74 4.64 -0.43
N ALA C 257 -5.89 4.09 -1.63
CA ALA C 257 -4.75 3.56 -2.35
C ALA C 257 -3.82 4.69 -2.77
N GLU C 258 -4.38 5.86 -3.02
CA GLU C 258 -3.64 7.04 -3.47
C GLU C 258 -3.09 7.95 -2.36
N GLU C 259 -3.66 7.87 -1.15
CA GLU C 259 -3.16 8.72 -0.08
C GLU C 259 -2.94 7.86 1.11
N ARG C 260 -1.81 8.02 1.80
CA ARG C 260 -1.58 7.25 3.03
C ARG C 260 -1.66 8.24 4.21
N PHE C 261 -2.16 7.75 5.32
CA PHE C 261 -2.26 8.59 6.51
C PHE C 261 -1.42 8.01 7.69
N PRO C 262 -1.04 8.85 8.65
CA PRO C 262 -0.26 8.43 9.83
C PRO C 262 -1.02 7.35 10.60
N ALA C 263 -0.29 6.47 11.28
CA ALA C 263 -0.91 5.44 12.07
C ALA C 263 -1.69 6.18 13.17
N PRO C 264 -2.83 5.65 13.58
CA PRO C 264 -3.52 4.41 13.15
C PRO C 264 -4.64 4.75 12.19
N TRP C 265 -4.53 5.85 11.43
CA TRP C 265 -5.66 6.24 10.61
C TRP C 265 -6.09 5.28 9.53
N GLY C 266 -5.14 4.68 8.79
CA GLY C 266 -5.48 3.71 7.78
C GLY C 266 -6.29 2.59 8.40
N PRO C 267 -5.77 1.93 9.44
CA PRO C 267 -6.53 0.87 10.08
C PRO C 267 -7.88 1.35 10.61
N LEU C 268 -7.90 2.56 11.20
CA LEU C 268 -9.15 3.10 11.77
C LEU C 268 -10.19 3.33 10.66
N ILE C 269 -9.78 3.95 9.56
CA ILE C 269 -10.68 4.20 8.44
C ILE C 269 -11.23 2.86 7.90
N GLU C 270 -10.34 1.89 7.77
CA GLU C 270 -10.72 0.56 7.25
C GLU C 270 -11.77 -0.09 8.20
N ALA C 271 -11.50 -0.01 9.50
CA ALA C 271 -12.45 -0.54 10.47
C ALA C 271 -13.83 0.15 10.31
N MET C 272 -13.87 1.48 10.24
CA MET C 272 -15.14 2.16 10.11
C MET C 272 -15.89 1.83 8.81
N ALA C 273 -15.13 1.52 7.75
CA ALA C 273 -15.77 1.19 6.48
C ALA C 273 -16.36 -0.20 6.54
N ALA C 274 -15.74 -1.08 7.32
CA ALA C 274 -16.22 -2.46 7.41
C ALA C 274 -17.25 -2.73 8.51
N ILE C 275 -17.41 -1.80 9.46
CA ILE C 275 -18.35 -2.00 10.54
C ILE C 275 -19.75 -1.99 9.93
N ARG C 276 -20.63 -2.80 10.47
CA ARG C 276 -21.97 -2.95 9.94
C ARG C 276 -22.95 -2.77 11.10
N VAL C 277 -24.07 -2.08 10.84
CA VAL C 277 -24.99 -1.84 11.94
C VAL C 277 -25.34 -3.10 12.73
N GLN C 278 -25.39 -4.26 12.06
CA GLN C 278 -25.71 -5.51 12.77
C GLN C 278 -24.63 -5.97 13.71
N TYR C 279 -23.45 -5.38 13.66
CA TYR C 279 -22.42 -5.78 14.59
C TYR C 279 -22.60 -5.14 15.96
N TYR C 280 -23.49 -4.16 16.13
CA TYR C 280 -23.61 -3.54 17.43
C TYR C 280 -25.01 -3.26 17.93
N ARG C 281 -25.94 -3.07 17.00
CA ARG C 281 -27.34 -2.76 17.29
C ARG C 281 -28.34 -3.91 17.60
N THR C 282 -29.53 -3.44 18.05
CA THR C 282 -30.79 -4.14 18.41
C THR C 282 -31.04 -5.53 18.96
N SER C 283 -30.03 -6.21 19.50
CA SER C 283 -30.32 -7.49 20.09
C SER C 283 -31.16 -7.15 21.34
N THR C 284 -30.60 -6.31 22.20
CA THR C 284 -31.27 -5.94 23.45
C THR C 284 -32.56 -5.08 23.25
N SER C 285 -33.40 -5.08 24.28
CA SER C 285 -34.69 -4.38 24.32
C SER C 285 -35.31 -5.01 25.58
N ARG C 286 -35.71 -4.21 26.57
CA ARG C 286 -36.21 -4.79 27.81
C ARG C 286 -37.41 -5.70 27.68
N TYR C 287 -37.19 -6.97 27.96
CA TYR C 287 -38.25 -7.95 27.89
C TYR C 287 -39.42 -7.59 28.82
N ARG C 288 -40.63 -7.96 28.38
CA ARG C 288 -41.87 -7.75 29.12
C ARG C 288 -42.73 -8.99 28.94
N SER C 289 -43.41 -9.41 29.99
CA SER C 289 -44.24 -10.60 29.88
C SER C 289 -45.36 -10.50 28.83
N ASP C 290 -45.56 -9.30 28.25
CA ASP C 290 -46.56 -9.06 27.20
C ASP C 290 -48.00 -9.29 27.67
N ILE D 2 -11.67 45.23 -22.61
CA ILE D 2 -11.33 44.75 -23.99
C ILE D 2 -12.61 44.40 -24.77
N GLN D 3 -12.57 44.70 -26.08
CA GLN D 3 -13.70 44.44 -26.97
C GLN D 3 -13.81 42.95 -27.22
N THR D 4 -15.04 42.45 -27.22
CA THR D 4 -15.29 41.04 -27.43
C THR D 4 -14.56 40.34 -28.57
N GLU D 5 -14.79 40.79 -29.80
CA GLU D 5 -14.10 40.09 -30.86
C GLU D 5 -12.62 40.21 -30.68
N ARG D 6 -12.13 41.32 -30.14
CA ARG D 6 -10.67 41.46 -29.95
C ARG D 6 -10.22 40.41 -28.91
N ALA D 7 -11.06 40.18 -27.92
CA ALA D 7 -10.75 39.19 -26.88
C ALA D 7 -10.68 37.83 -27.57
N VAL D 8 -11.73 37.47 -28.32
CA VAL D 8 -11.75 36.21 -29.07
C VAL D 8 -10.54 35.98 -29.92
N GLN D 9 -10.10 37.02 -30.64
CA GLN D 9 -8.99 36.87 -31.55
C GLN D 9 -7.73 36.65 -30.75
N GLN D 10 -7.63 37.26 -29.56
CA GLN D 10 -6.40 37.02 -28.77
C GLN D 10 -6.43 35.58 -28.19
N VAL D 11 -7.59 35.10 -27.81
CA VAL D 11 -7.62 33.72 -27.30
C VAL D 11 -7.29 32.76 -28.47
N LEU D 12 -7.87 33.04 -29.63
CA LEU D 12 -7.65 32.23 -30.80
C LEU D 12 -6.17 32.14 -31.15
N GLU D 13 -5.48 33.29 -31.07
CA GLU D 13 -4.05 33.35 -31.38
C GLU D 13 -3.28 32.41 -30.47
N TRP D 14 -3.55 32.48 -29.16
CA TRP D 14 -2.89 31.59 -28.18
C TRP D 14 -3.30 30.14 -28.46
N GLY D 15 -4.58 29.91 -28.73
CA GLY D 15 -5.02 28.55 -28.97
C GLY D 15 -4.47 27.77 -30.15
N ARG D 16 -4.06 28.51 -31.18
CA ARG D 16 -3.50 27.95 -32.42
C ARG D 16 -2.44 26.93 -32.03
N SER D 17 -1.75 27.24 -30.92
CA SER D 17 -0.68 26.42 -30.37
C SER D 17 -1.15 25.22 -29.56
N LEU D 18 -2.38 24.76 -29.74
CA LEU D 18 -2.84 23.56 -29.01
C LEU D 18 -3.48 22.64 -30.04
N THR D 19 -3.06 21.39 -30.01
CA THR D 19 -3.58 20.36 -30.88
C THR D 19 -5.08 20.15 -30.64
N GLY D 20 -5.86 20.17 -31.71
CA GLY D 20 -7.30 20.03 -31.59
C GLY D 20 -8.03 21.29 -31.12
N PHE D 21 -7.37 22.42 -30.95
CA PHE D 21 -8.07 23.65 -30.52
C PHE D 21 -9.08 24.11 -31.61
N ALA D 22 -10.27 24.51 -31.23
CA ALA D 22 -11.24 24.96 -32.21
C ALA D 22 -11.78 26.34 -31.83
N ASP D 23 -12.15 27.10 -32.86
CA ASP D 23 -12.71 28.42 -32.67
C ASP D 23 -13.73 28.42 -31.57
N GLU D 24 -14.61 27.44 -31.56
CA GLU D 24 -15.66 27.30 -30.57
C GLU D 24 -15.10 27.43 -29.15
N HIS D 25 -13.89 26.91 -28.91
CA HIS D 25 -13.33 26.98 -27.56
C HIS D 25 -13.03 28.41 -27.10
N ALA D 26 -12.48 29.18 -28.02
CA ALA D 26 -12.12 30.59 -27.75
C ALA D 26 -13.37 31.43 -27.54
N VAL D 27 -14.34 31.18 -28.41
CA VAL D 27 -15.60 31.91 -28.38
C VAL D 27 -16.39 31.65 -27.09
N GLU D 28 -16.64 30.38 -26.75
CA GLU D 28 -17.34 30.08 -25.48
C GLU D 28 -16.56 30.63 -24.25
N ALA D 29 -15.23 30.59 -24.33
CA ALA D 29 -14.42 31.10 -23.21
C ALA D 29 -14.72 32.59 -22.99
N VAL D 30 -14.68 33.35 -24.07
CA VAL D 30 -14.94 34.79 -23.95
C VAL D 30 -16.38 35.05 -23.51
N ARG D 31 -17.34 34.35 -24.06
CA ARG D 31 -18.70 34.61 -23.64
C ARG D 31 -18.95 34.28 -22.19
N GLY D 32 -18.48 33.09 -21.77
CA GLY D 32 -18.73 32.73 -20.40
C GLY D 32 -17.93 33.62 -19.47
N GLY D 33 -16.70 33.96 -19.88
CA GLY D 33 -15.84 34.77 -19.06
C GLY D 33 -16.42 36.17 -18.91
N GLN D 34 -16.95 36.70 -20.02
CA GLN D 34 -17.58 38.03 -20.02
C GLN D 34 -18.75 38.05 -19.09
N TYR D 35 -19.55 37.00 -19.10
CA TYR D 35 -20.68 36.94 -18.21
C TYR D 35 -20.27 37.00 -16.73
N ILE D 36 -19.29 36.18 -16.37
CA ILE D 36 -18.81 36.15 -14.99
C ILE D 36 -18.21 37.50 -14.56
N LEU D 37 -17.34 38.05 -15.38
CA LEU D 37 -16.72 39.34 -15.03
C LEU D 37 -17.75 40.51 -14.90
N GLN D 38 -18.76 40.57 -15.78
CA GLN D 38 -19.74 41.66 -15.62
C GLN D 38 -20.64 41.45 -14.40
N ARG D 39 -20.99 40.20 -14.05
CA ARG D 39 -21.82 39.96 -12.88
C ARG D 39 -21.08 40.36 -11.61
N ILE D 40 -19.76 40.14 -11.55
CA ILE D 40 -19.06 40.47 -10.32
C ILE D 40 -18.43 41.84 -10.29
N HIS D 41 -18.44 42.56 -11.40
CA HIS D 41 -17.80 43.87 -11.51
C HIS D 41 -18.16 44.85 -10.39
N PRO D 42 -19.47 45.01 -10.12
CA PRO D 42 -19.85 45.96 -9.06
C PRO D 42 -19.14 45.55 -7.79
N SER D 43 -19.26 44.28 -7.40
CA SER D 43 -18.59 43.84 -6.20
C SER D 43 -17.06 43.86 -6.29
N LEU D 44 -16.49 43.43 -7.40
CA LEU D 44 -15.05 43.43 -7.55
C LEU D 44 -14.41 44.82 -7.33
N ARG D 45 -14.98 45.83 -8.00
CA ARG D 45 -14.56 47.24 -7.93
C ARG D 45 -14.13 47.58 -6.52
N GLY D 46 -14.96 47.20 -5.57
CA GLY D 46 -14.74 47.46 -4.16
C GLY D 46 -13.49 46.88 -3.56
N THR D 47 -12.88 45.88 -4.21
CA THR D 47 -11.66 45.31 -3.66
C THR D 47 -10.38 45.79 -4.38
N SER D 48 -10.55 46.41 -5.54
CA SER D 48 -9.42 46.87 -6.35
C SER D 48 -8.49 47.80 -5.62
N ALA D 49 -9.03 48.54 -4.66
CA ALA D 49 -8.22 49.50 -3.92
C ALA D 49 -7.17 48.80 -3.08
N ARG D 50 -7.62 47.73 -2.46
CA ARG D 50 -6.76 46.95 -1.62
C ARG D 50 -5.74 46.16 -2.45
N THR D 51 -6.18 45.60 -3.57
CA THR D 51 -5.29 44.74 -4.36
C THR D 51 -4.46 45.38 -5.44
N GLY D 52 -4.91 46.55 -5.92
CA GLY D 52 -4.23 47.20 -7.02
C GLY D 52 -4.44 46.46 -8.34
N ARG D 53 -5.38 45.50 -8.39
CA ARG D 53 -5.71 44.75 -9.62
C ARG D 53 -6.98 45.36 -10.20
N ASP D 54 -6.86 45.93 -11.38
CA ASP D 54 -7.97 46.62 -12.00
C ASP D 54 -8.94 45.67 -12.66
N PRO D 55 -10.22 45.83 -12.38
CA PRO D 55 -11.22 44.96 -12.98
C PRO D 55 -11.10 44.90 -14.49
N GLN D 56 -10.57 45.97 -15.08
CA GLN D 56 -10.45 46.04 -16.52
C GLN D 56 -9.03 45.87 -17.08
N ASP D 57 -8.09 45.39 -16.29
CA ASP D 57 -6.76 45.17 -16.79
C ASP D 57 -6.90 44.10 -17.93
N GLU D 58 -6.51 44.45 -19.15
CA GLU D 58 -6.64 43.55 -20.27
C GLU D 58 -5.79 42.26 -20.12
N THR D 59 -4.61 42.40 -19.57
CA THR D 59 -3.75 41.26 -19.34
C THR D 59 -4.44 40.28 -18.42
N LEU D 60 -5.06 40.77 -17.34
CA LEU D 60 -5.71 39.85 -16.41
C LEU D 60 -6.89 39.20 -17.07
N ILE D 61 -7.66 40.00 -17.79
CA ILE D 61 -8.85 39.52 -18.46
C ILE D 61 -8.59 38.43 -19.49
N VAL D 62 -7.65 38.66 -20.40
CA VAL D 62 -7.35 37.68 -21.43
C VAL D 62 -6.72 36.41 -20.86
N THR D 63 -5.94 36.53 -19.77
CA THR D 63 -5.40 35.33 -19.11
C THR D 63 -6.55 34.53 -18.53
N PHE D 64 -7.54 35.20 -17.94
CA PHE D 64 -8.70 34.49 -17.44
C PHE D 64 -9.47 33.75 -18.59
N TYR D 65 -9.69 34.46 -19.69
CA TYR D 65 -10.33 33.82 -20.82
C TYR D 65 -9.51 32.63 -21.35
N ARG D 66 -8.20 32.75 -21.33
CA ARG D 66 -7.38 31.65 -21.85
C ARG D 66 -7.52 30.43 -20.95
N GLU D 67 -7.60 30.66 -19.62
CA GLU D 67 -7.77 29.53 -18.70
C GLU D 67 -9.08 28.90 -19.05
N LEU D 68 -10.13 29.71 -19.24
CA LEU D 68 -11.42 29.12 -19.56
C LEU D 68 -11.35 28.31 -20.88
N ALA D 69 -10.66 28.83 -21.88
CA ALA D 69 -10.53 28.11 -23.18
C ALA D 69 -9.79 26.77 -22.94
N LEU D 70 -8.77 26.82 -22.08
CA LEU D 70 -8.01 25.61 -21.76
C LEU D 70 -9.00 24.56 -21.21
N LEU D 71 -9.81 24.96 -20.24
CA LEU D 71 -10.74 24.00 -19.67
C LEU D 71 -11.70 23.42 -20.76
N PHE D 72 -12.27 24.27 -21.61
CA PHE D 72 -13.19 23.81 -22.66
C PHE D 72 -12.42 22.89 -23.64
N TRP D 73 -11.24 23.33 -24.04
CA TRP D 73 -10.44 22.56 -25.01
C TRP D 73 -10.13 21.14 -24.49
N LEU D 74 -9.72 21.06 -23.23
CA LEU D 74 -9.37 19.77 -22.67
C LEU D 74 -10.59 18.85 -22.64
N ASP D 75 -11.73 19.38 -22.17
CA ASP D 75 -12.93 18.58 -22.08
C ASP D 75 -13.30 17.97 -23.45
N ASP D 76 -13.42 18.85 -24.44
CA ASP D 76 -13.76 18.45 -25.81
C ASP D 76 -12.76 17.45 -26.39
N CYS D 77 -11.45 17.72 -26.29
CA CYS D 77 -10.48 16.82 -26.86
C CYS D 77 -10.46 15.47 -26.14
N ASN D 78 -10.78 15.49 -24.86
CA ASN D 78 -10.84 14.28 -24.04
C ASN D 78 -11.94 13.41 -24.59
N ASP D 79 -13.12 14.01 -24.80
CA ASP D 79 -14.30 13.32 -25.35
C ASP D 79 -13.97 12.66 -26.71
N LEU D 80 -13.38 13.43 -27.63
CA LEU D 80 -13.04 12.93 -28.95
C LEU D 80 -11.80 12.04 -28.96
N GLY D 81 -11.02 11.98 -27.86
CA GLY D 81 -9.82 11.17 -27.89
C GLY D 81 -8.64 11.85 -28.61
N LEU D 82 -8.82 13.13 -28.99
CA LEU D 82 -7.76 13.94 -29.62
C LEU D 82 -6.64 14.13 -28.61
N ILE D 83 -6.99 14.01 -27.32
CA ILE D 83 -5.99 14.05 -26.23
C ILE D 83 -6.31 12.71 -25.58
N SER D 84 -5.28 11.90 -25.39
CA SER D 84 -5.49 10.56 -24.85
C SER D 84 -5.40 10.47 -23.30
N PRO D 85 -5.94 9.39 -22.73
CA PRO D 85 -5.85 9.30 -21.26
C PRO D 85 -4.38 9.18 -20.82
N GLU D 86 -3.50 8.67 -21.70
CA GLU D 86 -2.09 8.52 -21.33
C GLU D 86 -1.44 9.89 -21.28
N GLN D 87 -1.80 10.80 -22.20
CA GLN D 87 -1.29 12.17 -22.20
C GLN D 87 -1.80 12.90 -20.95
N LEU D 88 -3.06 12.69 -20.61
CA LEU D 88 -3.69 13.30 -19.43
C LEU D 88 -2.98 12.85 -18.15
N ALA D 89 -2.62 11.58 -18.12
CA ALA D 89 -1.92 11.03 -16.98
C ALA D 89 -0.55 11.69 -16.88
N ALA D 90 0.11 11.91 -18.03
CA ALA D 90 1.43 12.55 -18.08
C ALA D 90 1.34 14.00 -17.54
N VAL D 91 0.30 14.71 -17.97
CA VAL D 91 0.09 16.07 -17.51
C VAL D 91 -0.12 16.02 -15.99
N GLU D 92 -0.94 15.09 -15.55
CA GLU D 92 -1.22 15.03 -14.12
C GLU D 92 0.06 14.80 -13.31
N GLN D 93 0.93 13.92 -13.82
CA GLN D 93 2.22 13.62 -13.15
C GLN D 93 3.08 14.87 -13.17
N ALA D 94 3.13 15.58 -14.29
CA ALA D 94 3.95 16.78 -14.37
C ALA D 94 3.41 17.82 -13.39
N LEU D 95 2.09 17.96 -13.28
CA LEU D 95 1.52 18.94 -12.38
C LEU D 95 1.77 18.55 -10.94
N GLY D 96 1.68 17.26 -10.65
CA GLY D 96 1.92 16.83 -9.30
C GLY D 96 3.30 17.28 -8.79
N GLN D 97 4.25 17.54 -9.69
CA GLN D 97 5.58 17.97 -9.28
C GLN D 97 5.96 19.32 -9.88
N GLY D 98 4.96 20.14 -10.17
CA GLY D 98 5.20 21.46 -10.72
C GLY D 98 6.18 21.57 -11.88
N VAL D 99 6.41 20.47 -12.59
CA VAL D 99 7.31 20.54 -13.75
C VAL D 99 6.45 20.67 -15.03
N PRO D 100 7.05 21.10 -16.15
CA PRO D 100 6.19 21.23 -17.33
C PRO D 100 5.99 19.88 -18.05
N CYS D 101 4.98 19.81 -18.91
CA CYS D 101 4.76 18.57 -19.64
C CYS D 101 5.47 18.68 -21.00
N ALA D 102 6.53 17.90 -21.15
CA ALA D 102 7.23 17.95 -22.43
C ALA D 102 6.32 17.35 -23.49
N LEU D 103 5.04 17.74 -23.53
CA LEU D 103 4.11 17.16 -24.51
C LEU D 103 3.86 17.95 -25.81
N PRO D 104 4.22 17.35 -26.96
CA PRO D 104 4.01 17.99 -28.28
C PRO D 104 2.51 18.18 -28.37
N GLY D 105 2.09 19.33 -28.88
CA GLY D 105 0.68 19.65 -29.00
C GLY D 105 0.09 20.48 -27.87
N PHE D 106 0.83 20.56 -26.75
CA PHE D 106 0.44 21.30 -25.55
C PHE D 106 1.18 22.60 -25.33
N GLU D 107 1.79 23.13 -26.38
CA GLU D 107 2.56 24.38 -26.25
C GLU D 107 1.83 25.49 -25.49
N GLY D 108 0.58 25.76 -25.87
CA GLY D 108 -0.21 26.81 -25.22
C GLY D 108 -0.31 26.66 -23.70
N CYS D 109 -0.34 25.42 -23.23
CA CYS D 109 -0.40 25.17 -21.78
C CYS D 109 0.82 25.74 -21.03
N ALA D 110 2.00 25.57 -21.65
CA ALA D 110 3.24 26.06 -21.02
C ALA D 110 3.19 27.56 -21.00
N VAL D 111 2.67 28.15 -22.07
CA VAL D 111 2.59 29.59 -22.15
C VAL D 111 1.63 30.13 -21.02
N LEU D 112 0.47 29.52 -20.92
CA LEU D 112 -0.52 29.98 -19.91
C LEU D 112 0.03 29.81 -18.50
N ARG D 113 0.67 28.66 -18.28
CA ARG D 113 1.20 28.37 -16.98
C ARG D 113 2.18 29.47 -16.55
N ALA D 114 3.02 29.87 -17.51
CA ALA D 114 4.03 30.91 -17.35
C ALA D 114 3.42 32.20 -16.86
N SER D 115 2.38 32.64 -17.57
CA SER D 115 1.65 33.84 -17.22
C SER D 115 1.00 33.81 -15.83
N LEU D 116 0.39 32.69 -15.48
CA LEU D 116 -0.26 32.58 -14.19
C LEU D 116 0.74 32.64 -13.03
N ALA D 117 1.90 32.05 -13.22
CA ALA D 117 2.83 32.04 -12.12
C ALA D 117 3.31 33.45 -11.98
N THR D 118 3.45 34.10 -13.14
CA THR D 118 3.91 35.49 -13.16
C THR D 118 2.91 36.50 -12.50
N LEU D 119 1.62 36.32 -12.80
CA LEU D 119 0.57 37.21 -12.30
C LEU D 119 -0.03 36.84 -10.94
N ALA D 120 0.30 35.67 -10.41
CA ALA D 120 -0.35 35.26 -9.16
C ALA D 120 -0.24 36.36 -8.09
N TYR D 121 -1.37 36.83 -7.58
CA TYR D 121 -1.30 37.83 -6.53
C TYR D 121 -0.75 37.11 -5.26
N ASP D 122 -1.31 35.94 -4.98
CA ASP D 122 -0.89 35.13 -3.86
C ASP D 122 -0.40 33.77 -4.44
N ARG D 123 0.90 33.51 -4.34
CA ARG D 123 1.48 32.29 -4.86
C ARG D 123 0.72 31.05 -4.40
N ARG D 124 0.06 31.11 -3.25
CA ARG D 124 -0.70 29.95 -2.83
C ARG D 124 -1.83 29.66 -3.85
N ASP D 125 -2.31 30.68 -4.57
CA ASP D 125 -3.35 30.44 -5.53
C ASP D 125 -2.80 29.74 -6.79
N TYR D 126 -1.58 30.04 -7.17
CA TYR D 126 -0.97 29.36 -8.32
C TYR D 126 -0.79 27.87 -7.96
N ALA D 127 -0.33 27.64 -6.72
CA ALA D 127 -0.11 26.26 -6.24
C ALA D 127 -1.46 25.50 -6.30
N GLN D 128 -2.49 26.16 -5.84
CA GLN D 128 -3.78 25.54 -5.84
C GLN D 128 -4.29 25.23 -7.25
N LEU D 129 -4.12 26.18 -8.16
CA LEU D 129 -4.63 26.02 -9.53
C LEU D 129 -3.90 24.86 -10.18
N LEU D 130 -2.61 24.67 -9.86
CA LEU D 130 -1.90 23.54 -10.46
C LEU D 130 -2.58 22.26 -9.97
N ASP D 131 -2.96 22.23 -8.70
CA ASP D 131 -3.59 21.02 -8.16
C ASP D 131 -5.01 20.78 -8.68
N ASP D 132 -5.78 21.87 -8.86
CA ASP D 132 -7.14 21.81 -9.40
C ASP D 132 -7.11 21.36 -10.88
N THR D 133 -6.08 21.76 -11.63
CA THR D 133 -5.91 21.38 -13.03
C THR D 133 -5.60 19.85 -13.04
N ARG D 134 -4.77 19.41 -12.09
CA ARG D 134 -4.49 17.97 -12.03
C ARG D 134 -5.77 17.22 -11.70
N CYS D 135 -6.57 17.73 -10.75
CA CYS D 135 -7.83 17.09 -10.34
C CYS D 135 -8.85 17.04 -11.52
N TYR D 136 -8.92 18.16 -12.22
CA TYR D 136 -9.78 18.30 -13.38
C TYR D 136 -9.31 17.26 -14.43
N SER D 137 -8.02 17.21 -14.79
CA SER D 137 -7.61 16.18 -15.77
C SER D 137 -7.96 14.74 -15.29
N ALA D 138 -7.69 14.44 -14.00
CA ALA D 138 -7.98 13.09 -13.50
C ALA D 138 -9.50 12.82 -13.68
N ALA D 139 -10.34 13.83 -13.40
CA ALA D 139 -11.81 13.67 -13.53
C ALA D 139 -12.29 13.46 -15.00
N LEU D 140 -11.66 14.18 -15.91
CA LEU D 140 -11.95 14.05 -17.33
C LEU D 140 -11.64 12.61 -17.73
N ARG D 141 -10.50 12.09 -17.34
CA ARG D 141 -10.09 10.71 -17.69
C ARG D 141 -11.06 9.65 -17.13
N ALA D 142 -11.23 9.65 -15.81
CA ALA D 142 -12.07 8.68 -15.16
C ALA D 142 -13.55 8.87 -15.49
N GLY D 143 -13.96 10.08 -15.78
CA GLY D 143 -15.36 10.31 -16.03
C GLY D 143 -15.69 10.35 -17.50
N HIS D 144 -14.75 9.98 -18.34
CA HIS D 144 -15.02 9.92 -19.77
C HIS D 144 -16.26 9.04 -19.94
N ALA D 145 -17.22 9.48 -20.75
CA ALA D 145 -18.44 8.70 -20.94
C ALA D 145 -18.19 7.17 -21.22
N GLN D 146 -17.16 6.80 -21.98
CA GLN D 146 -16.90 5.39 -22.23
C GLN D 146 -16.37 4.69 -20.97
N ALA D 147 -15.58 5.39 -20.17
CA ALA D 147 -15.02 4.81 -18.94
C ALA D 147 -16.14 4.60 -17.94
N VAL D 148 -17.07 5.55 -17.84
CA VAL D 148 -18.22 5.46 -16.94
C VAL D 148 -19.15 4.27 -17.34
N ALA D 149 -19.41 4.17 -18.66
CA ALA D 149 -20.28 3.11 -19.24
C ALA D 149 -19.63 1.78 -18.99
N ALA D 150 -18.36 1.70 -19.35
CA ALA D 150 -17.56 0.51 -19.17
C ALA D 150 -17.66 -0.02 -17.75
N GLU D 151 -17.12 0.74 -16.79
CA GLU D 151 -17.09 0.36 -15.39
C GLU D 151 -18.40 0.27 -14.58
N ARG D 152 -19.53 0.62 -15.18
CA ARG D 152 -20.79 0.52 -14.47
C ARG D 152 -20.83 1.42 -13.19
N TRP D 153 -20.47 2.68 -13.34
CA TRP D 153 -20.46 3.61 -12.23
C TRP D 153 -21.80 3.80 -11.54
N SER D 154 -21.73 4.06 -10.24
CA SER D 154 -22.95 4.38 -9.49
C SER D 154 -23.19 5.87 -9.76
N TYR D 155 -24.37 6.34 -9.37
CA TYR D 155 -24.72 7.74 -9.51
C TYR D 155 -23.80 8.55 -8.59
N ALA D 156 -23.51 7.98 -7.42
CA ALA D 156 -22.60 8.67 -6.49
C ALA D 156 -21.22 8.87 -7.11
N GLU D 157 -20.70 7.83 -7.76
CA GLU D 157 -19.38 7.98 -8.38
C GLU D 157 -19.41 9.06 -9.45
N TYR D 158 -20.45 9.06 -10.25
CA TYR D 158 -20.57 10.04 -11.31
C TYR D 158 -20.64 11.44 -10.73
N LEU D 159 -21.43 11.63 -9.66
CA LEU D 159 -21.57 12.99 -9.09
C LEU D 159 -20.28 13.44 -8.39
N HIS D 160 -19.67 12.57 -7.61
CA HIS D 160 -18.43 12.99 -6.98
C HIS D 160 -17.42 13.39 -8.06
N ASN D 161 -17.29 12.58 -9.11
CA ASN D 161 -16.35 12.90 -10.18
C ASN D 161 -16.81 14.20 -10.90
N GLY D 162 -18.13 14.33 -11.05
CA GLY D 162 -18.69 15.47 -11.75
C GLY D 162 -18.39 16.77 -11.04
N ILE D 163 -18.22 16.73 -9.71
CA ILE D 163 -17.91 17.96 -8.95
C ILE D 163 -16.54 18.48 -9.40
N ASP D 164 -15.63 17.57 -9.73
CA ASP D 164 -14.30 17.99 -10.19
C ASP D 164 -14.30 18.27 -11.69
N SER D 165 -15.09 17.52 -12.44
CA SER D 165 -15.02 17.73 -13.90
C SER D 165 -15.73 19.02 -14.33
N ILE D 166 -16.61 19.57 -13.48
CA ILE D 166 -17.31 20.79 -13.89
C ILE D 166 -16.32 21.97 -13.85
N ALA D 167 -15.18 21.78 -13.16
CA ALA D 167 -14.09 22.79 -13.04
C ALA D 167 -14.44 24.15 -12.46
N TYR D 168 -15.53 24.24 -11.70
CA TYR D 168 -15.84 25.54 -11.13
C TYR D 168 -14.72 25.91 -10.16
N ALA D 169 -14.15 24.89 -9.50
CA ALA D 169 -13.06 25.20 -8.55
C ALA D 169 -11.89 25.95 -9.25
N ASN D 170 -11.57 25.51 -10.46
CA ASN D 170 -10.49 26.06 -11.26
C ASN D 170 -10.87 27.50 -11.63
N VAL D 171 -12.12 27.73 -11.98
CA VAL D 171 -12.55 29.09 -12.37
C VAL D 171 -12.38 30.05 -11.19
N PHE D 172 -12.82 29.61 -10.00
CA PHE D 172 -12.71 30.45 -8.82
C PHE D 172 -11.25 30.72 -8.46
N CYS D 173 -10.45 29.67 -8.50
CA CYS D 173 -9.06 29.83 -8.12
C CYS D 173 -8.34 30.76 -9.12
N CYS D 174 -8.66 30.65 -10.41
CA CYS D 174 -8.04 31.53 -11.35
C CYS D 174 -8.42 33.02 -11.14
N LEU D 175 -9.70 33.27 -10.83
CA LEU D 175 -10.16 34.64 -10.55
C LEU D 175 -9.40 35.14 -9.32
N SER D 176 -9.33 34.30 -8.29
CA SER D 176 -8.62 34.66 -7.08
C SER D 176 -7.17 34.98 -7.43
N LEU D 177 -6.51 34.11 -8.19
CA LEU D 177 -5.11 34.34 -8.57
C LEU D 177 -4.89 35.68 -9.27
N LEU D 178 -5.77 36.01 -10.19
CA LEU D 178 -5.63 37.20 -10.98
C LEU D 178 -5.97 38.56 -10.32
N TRP D 179 -7.01 38.57 -9.52
CA TRP D 179 -7.49 39.78 -8.87
C TRP D 179 -7.30 39.78 -7.32
N GLY D 180 -6.56 38.81 -6.81
CA GLY D 180 -6.24 38.75 -5.39
C GLY D 180 -7.44 38.66 -4.50
N LEU D 181 -8.17 37.57 -4.66
CA LEU D 181 -9.38 37.38 -3.90
C LEU D 181 -9.24 36.55 -2.67
N ASP D 182 -8.01 36.15 -2.37
CA ASP D 182 -7.74 35.42 -1.11
C ASP D 182 -8.50 34.08 -0.93
N MET D 183 -8.66 33.37 -2.04
CA MET D 183 -9.36 32.09 -1.96
C MET D 183 -8.61 31.13 -1.01
N ALA D 184 -7.28 31.23 -0.96
CA ALA D 184 -6.48 30.31 -0.12
C ALA D 184 -6.86 30.42 1.35
N THR D 185 -7.18 31.62 1.81
CA THR D 185 -7.60 31.86 3.20
C THR D 185 -9.07 31.43 3.39
N LEU D 186 -9.92 31.81 2.46
CA LEU D 186 -11.32 31.39 2.54
C LEU D 186 -11.48 29.87 2.57
N ARG D 187 -10.66 29.12 1.85
CA ARG D 187 -10.89 27.69 1.90
C ARG D 187 -10.57 27.03 3.25
N ALA D 188 -10.13 27.82 4.23
CA ALA D 188 -9.90 27.22 5.53
C ALA D 188 -11.22 27.17 6.25
N ARG D 189 -12.25 27.83 5.70
CA ARG D 189 -13.57 27.79 6.31
C ARG D 189 -14.40 26.59 5.78
N PRO D 190 -14.88 25.77 6.70
CA PRO D 190 -15.69 24.62 6.29
C PRO D 190 -16.90 25.07 5.40
N ALA D 191 -17.57 26.16 5.75
CA ALA D 191 -18.73 26.58 4.96
C ALA D 191 -18.38 26.94 3.52
N PHE D 192 -17.20 27.52 3.33
CA PHE D 192 -16.77 27.91 2.03
C PHE D 192 -16.50 26.67 1.22
N ARG D 193 -15.92 25.64 1.85
CA ARG D 193 -15.64 24.40 1.12
C ARG D 193 -16.95 23.71 0.77
N GLN D 194 -17.92 23.77 1.68
CA GLN D 194 -19.20 23.18 1.41
C GLN D 194 -19.90 23.91 0.22
N VAL D 195 -19.80 25.23 0.20
CA VAL D 195 -20.40 25.98 -0.90
C VAL D 195 -19.71 25.58 -2.23
N LEU D 196 -18.41 25.33 -2.18
CA LEU D 196 -17.72 24.99 -3.41
C LEU D 196 -18.22 23.68 -3.99
N ARG D 197 -18.51 22.71 -3.13
CA ARG D 197 -18.99 21.42 -3.61
C ARG D 197 -20.42 21.53 -4.09
N LEU D 198 -21.24 22.34 -3.40
CA LEU D 198 -22.63 22.50 -3.79
C LEU D 198 -22.76 23.18 -5.15
N ILE D 199 -22.07 24.29 -5.32
CA ILE D 199 -22.21 25.01 -6.60
C ILE D 199 -21.68 24.16 -7.78
N SER D 200 -20.66 23.34 -7.52
CA SER D 200 -20.10 22.44 -8.52
C SER D 200 -21.11 21.34 -8.89
N ALA D 201 -21.75 20.72 -7.90
CA ALA D 201 -22.75 19.69 -8.18
C ALA D 201 -23.91 20.31 -9.01
N ILE D 202 -24.30 21.52 -8.64
CA ILE D 202 -25.36 22.21 -9.32
C ILE D 202 -24.98 22.41 -10.80
N GLY D 203 -23.78 22.94 -11.05
CA GLY D 203 -23.34 23.15 -12.42
C GLY D 203 -23.25 21.83 -13.19
N ARG D 204 -22.75 20.77 -12.54
CA ARG D 204 -22.64 19.48 -13.20
C ARG D 204 -24.04 18.97 -13.55
N LEU D 205 -24.97 19.09 -12.61
CA LEU D 205 -26.33 18.61 -12.83
C LEU D 205 -27.06 19.48 -13.84
N GLN D 206 -26.89 20.80 -13.76
CA GLN D 206 -27.53 21.69 -14.71
C GLN D 206 -27.05 21.34 -16.11
N ASN D 207 -25.75 21.25 -16.28
CA ASN D 207 -25.19 20.92 -17.60
C ASN D 207 -25.62 19.58 -18.16
N ASP D 208 -25.85 18.63 -17.28
CA ASP D 208 -26.23 17.32 -17.73
C ASP D 208 -27.75 17.17 -17.94
N LEU D 209 -28.53 18.09 -17.39
CA LEU D 209 -29.96 18.01 -17.64
C LEU D 209 -30.15 18.68 -19.02
N HIS D 210 -29.40 19.75 -19.31
CA HIS D 210 -29.53 20.41 -20.61
C HIS D 210 -28.95 19.59 -21.76
N ASN D 223 -22.52 9.41 -19.74
CA ASN D 223 -23.65 10.26 -19.26
C ASN D 223 -24.19 9.69 -17.95
N ALA D 224 -24.89 10.56 -17.23
CA ALA D 224 -25.53 10.23 -15.97
C ALA D 224 -26.80 9.56 -16.46
N VAL D 225 -27.25 9.98 -17.63
CA VAL D 225 -28.46 9.44 -18.25
C VAL D 225 -28.30 7.99 -18.70
N ILE D 226 -27.21 7.67 -19.38
CA ILE D 226 -27.00 6.30 -19.82
C ILE D 226 -26.78 5.44 -18.60
N LEU D 227 -26.37 6.04 -17.49
CA LEU D 227 -26.13 5.20 -16.33
C LEU D 227 -27.37 4.95 -15.48
N LEU D 228 -28.23 5.97 -15.36
CA LEU D 228 -29.44 5.84 -14.55
C LEU D 228 -30.61 5.20 -15.31
N LEU D 229 -30.98 5.85 -16.42
CA LEU D 229 -32.04 5.41 -17.34
C LEU D 229 -31.78 3.96 -17.56
N GLN D 230 -30.66 3.73 -18.22
CA GLN D 230 -30.24 2.38 -18.47
C GLN D 230 -30.38 1.54 -17.20
N ARG D 231 -29.28 1.40 -16.48
CA ARG D 231 -29.26 0.56 -15.29
C ARG D 231 -30.60 0.33 -14.59
N TYR D 232 -31.24 1.38 -14.13
CA TYR D 232 -32.48 1.21 -13.37
C TYR D 232 -33.77 1.38 -14.19
N PRO D 233 -34.43 0.24 -14.47
CA PRO D 233 -35.66 0.12 -15.25
C PRO D 233 -36.77 1.15 -15.10
N ALA D 234 -37.69 0.98 -14.17
CA ALA D 234 -38.77 1.96 -14.13
C ALA D 234 -38.46 3.25 -13.41
N MET D 235 -37.18 3.55 -13.20
CA MET D 235 -36.80 4.77 -12.48
C MET D 235 -37.04 6.06 -13.26
N PRO D 236 -37.62 7.06 -12.61
CA PRO D 236 -37.85 8.32 -13.33
C PRO D 236 -36.59 9.19 -13.37
N VAL D 237 -35.64 8.78 -14.19
CA VAL D 237 -34.34 9.44 -14.36
C VAL D 237 -34.32 10.95 -14.34
N VAL D 238 -34.93 11.55 -15.35
CA VAL D 238 -34.98 13.01 -15.46
C VAL D 238 -35.62 13.64 -14.26
N GLU D 239 -36.69 13.03 -13.80
CA GLU D 239 -37.39 13.54 -12.65
C GLU D 239 -36.47 13.52 -11.41
N PHE D 240 -35.73 12.41 -11.24
CA PHE D 240 -34.83 12.26 -10.11
C PHE D 240 -33.75 13.32 -10.14
N LEU D 241 -33.19 13.55 -11.32
CA LEU D 241 -32.12 14.53 -11.47
C LEU D 241 -32.54 15.96 -11.15
N ASN D 242 -33.73 16.36 -11.59
CA ASN D 242 -34.22 17.71 -11.29
C ASN D 242 -34.47 17.89 -9.82
N ASP D 243 -34.93 16.82 -9.15
CA ASP D 243 -35.14 16.82 -7.70
C ASP D 243 -33.73 17.00 -7.04
N GLU D 244 -32.76 16.27 -7.59
CA GLU D 244 -31.38 16.34 -7.11
C GLU D 244 -30.85 17.73 -7.33
N LEU D 245 -31.10 18.32 -8.53
CA LEU D 245 -30.61 19.66 -8.78
C LEU D 245 -31.28 20.62 -7.81
N ALA D 246 -32.59 20.51 -7.65
CA ALA D 246 -33.29 21.43 -6.75
C ALA D 246 -32.83 21.25 -5.28
N GLY D 247 -32.53 20.04 -4.88
CA GLY D 247 -32.12 19.79 -3.52
C GLY D 247 -30.77 20.43 -3.22
N HIS D 248 -29.86 20.37 -4.18
CA HIS D 248 -28.56 21.03 -3.95
C HIS D 248 -28.69 22.55 -3.88
N THR D 249 -29.60 23.09 -4.70
CA THR D 249 -29.85 24.52 -4.73
C THR D 249 -30.36 25.00 -3.36
N ARG D 250 -31.27 24.23 -2.78
CA ARG D 250 -31.82 24.56 -1.45
C ARG D 250 -30.68 24.52 -0.45
N MET D 251 -29.85 23.47 -0.55
CA MET D 251 -28.73 23.40 0.35
C MET D 251 -27.79 24.61 0.20
N LEU D 252 -27.52 25.01 -1.04
CA LEU D 252 -26.66 26.16 -1.30
C LEU D 252 -27.28 27.43 -0.67
N HIS D 253 -28.57 27.66 -0.91
CA HIS D 253 -29.19 28.88 -0.35
C HIS D 253 -29.14 28.82 1.17
N ARG D 254 -29.42 27.67 1.76
CA ARG D 254 -29.37 27.64 3.22
C ARG D 254 -28.02 28.03 3.76
N VAL D 255 -26.94 27.44 3.22
CA VAL D 255 -25.62 27.80 3.70
C VAL D 255 -25.33 29.26 3.45
N MET D 256 -25.70 29.77 2.28
CA MET D 256 -25.43 31.17 2.04
C MET D 256 -26.38 32.11 2.78
N ALA D 257 -27.56 31.64 3.15
CA ALA D 257 -28.45 32.50 3.94
C ALA D 257 -27.81 32.78 5.33
N GLU D 258 -27.00 31.84 5.83
CA GLU D 258 -26.40 31.98 7.15
C GLU D 258 -24.91 32.35 7.22
N GLU D 259 -24.16 32.06 6.17
CA GLU D 259 -22.75 32.38 6.16
C GLU D 259 -22.55 33.51 5.17
N ARG D 260 -21.77 34.53 5.52
CA ARG D 260 -21.50 35.54 4.52
C ARG D 260 -20.00 35.43 4.23
N PHE D 261 -19.63 35.70 2.99
CA PHE D 261 -18.24 35.67 2.55
C PHE D 261 -17.80 37.03 2.06
N PRO D 262 -16.48 37.29 2.07
CA PRO D 262 -15.93 38.57 1.62
C PRO D 262 -16.27 38.80 0.15
N ALA D 263 -16.30 40.08 -0.24
CA ALA D 263 -16.59 40.46 -1.62
C ALA D 263 -15.40 39.93 -2.42
N PRO D 264 -15.60 39.46 -3.66
CA PRO D 264 -16.86 39.39 -4.39
C PRO D 264 -17.42 37.96 -4.41
N TRP D 265 -17.13 37.18 -3.37
CA TRP D 265 -17.53 35.75 -3.36
C TRP D 265 -19.02 35.46 -3.40
N GLY D 266 -19.83 36.20 -2.64
CA GLY D 266 -21.27 35.93 -2.70
C GLY D 266 -21.76 36.16 -4.14
N PRO D 267 -21.49 37.33 -4.74
CA PRO D 267 -21.92 37.62 -6.13
C PRO D 267 -21.35 36.55 -7.10
N LEU D 268 -20.10 36.13 -6.90
CA LEU D 268 -19.49 35.11 -7.77
C LEU D 268 -20.21 33.80 -7.70
N ILE D 269 -20.50 33.35 -6.50
CA ILE D 269 -21.19 32.09 -6.32
C ILE D 269 -22.59 32.12 -6.97
N GLU D 270 -23.24 33.27 -6.78
CA GLU D 270 -24.57 33.49 -7.27
C GLU D 270 -24.55 33.43 -8.78
N ALA D 271 -23.56 34.10 -9.38
CA ALA D 271 -23.36 34.16 -10.83
C ALA D 271 -23.27 32.75 -11.48
N MET D 272 -22.47 31.87 -10.89
CA MET D 272 -22.33 30.51 -11.41
C MET D 272 -23.66 29.72 -11.24
N ALA D 273 -24.28 29.87 -10.08
CA ALA D 273 -25.51 29.15 -9.83
C ALA D 273 -26.52 29.45 -10.90
N ALA D 274 -26.62 30.74 -11.24
CA ALA D 274 -27.59 31.25 -12.21
C ALA D 274 -27.16 31.19 -13.65
N ILE D 275 -25.94 30.71 -13.90
CA ILE D 275 -25.45 30.63 -15.26
C ILE D 275 -26.24 29.55 -16.02
N ARG D 276 -26.58 29.87 -17.26
CA ARG D 276 -27.33 28.98 -18.15
C ARG D 276 -26.33 28.56 -19.22
N VAL D 277 -26.41 27.32 -19.70
CA VAL D 277 -25.49 26.86 -20.74
C VAL D 277 -25.65 27.79 -21.97
N GLN D 278 -26.90 28.21 -22.20
CA GLN D 278 -27.26 29.10 -23.30
C GLN D 278 -26.47 30.41 -23.26
N TYR D 279 -25.90 30.71 -22.10
CA TYR D 279 -25.12 31.94 -21.91
C TYR D 279 -23.72 31.94 -22.50
N TYR D 280 -23.18 30.78 -22.87
CA TYR D 280 -21.83 30.82 -23.44
C TYR D 280 -21.54 29.95 -24.66
#